data_7OZL
#
_entry.id   7OZL
#
_cell.length_a   1.00
_cell.length_b   1.00
_cell.length_c   1.00
_cell.angle_alpha   90.00
_cell.angle_beta   90.00
_cell.angle_gamma   90.00
#
_symmetry.space_group_name_H-M   'P 1'
#
loop_
_entity.id
_entity.type
_entity.pdbx_description
1 polymer 'Capsid protein VP1'
2 polymer 'Capsid protein VP2'
3 polymer 'Capsid protein VP3'
4 polymer 'Capsid protein VP4'
5 non-polymer '5-(7-(4-(4,5-DIHYDRO-2-OXAZOLYL)PHENOXY)HEPTYL)-3-METHYL ISOXAZOLE'
6 water water
#
loop_
_entity_poly.entity_id
_entity_poly.type
_entity_poly.pdbx_seq_one_letter_code
_entity_poly.pdbx_strand_id
1 'polypeptide(L)'
;ATTQIGEIVKTVANTVESEIKAELGVIPSLNAVETGATSNTEPEEAIQTRTVINMHGTAECLVENFLGRSALVCMRSFEY
KNHSTSTSSIQKNFFIWTLNTRELVQIRRKMELFTYLRFDTEITIVPTLRLFSSSNVSFSGLPNLTLQAMYVPTGARKPS
SQDSFEWQSACNPSVFFKINDPPARLTIPFMSINSAYANFYDGFAGFEKKATVLYGINPANTMGNLCLRVVNSYQPVQYT
LTVRVYMKPKHIKAWAPRAPRTMPYTNILNNNYAGRSAAPNAPTAIVSHRSTIKTMPNDINLTTA
;
A
2 'polypeptide(L)'
;SPSAEACGYSDRVLQLKLGNSSIVTQEAANICCAYGEWPTYLPDNEAVAIDKPTQPETSTDRFYTLKSKKWESNSTGWWW
KLPDALNQIGMFGQNVQYHYLYRSGFLCHVQCNATKFHQGTLLIVAIPEHQIGKKGTGTSASFAEVMKGAEGGVFEQPYL
LDDGTSLACALVYPHQWINLRTNNSATIVLPWMNSAPMDFALRHNNWTLAVIPVCPLAGGTGNTNTYVPITISIAPMCAE
YNGLRNAITQ
;
B
3 'polypeptide(L)'
;GVPTCLLPGSNQFLTTDDHSSAPAFPDFSPTPEMHIPGQVHSMLEIVQIESMMEINNVNDASGVERLRVQISAQSDMDQL
LFNIPLDIQLEGPLRNTLLGNISRYYTHWSGSLEMTFMFCGSFMTTGKLIICYTPPGGSSPTDRMQAMLATHVVWDFGLQ
SSITIIIPWISGSHYRMFNTDAKAINANVGYVTCFMQTNLVAPVGAADQCYIVGMVAAKKDFNLRLMRDSPDIGQSAILP
EQA
;
C
4 'polypeptide(L)' GAQVSRQQTGTHENANVATGGSSITYNQINFYKDSYAASASKQDFSQDPSKFTEPVAEALKAGAPVLK D
#
# COMPACT_ATOMS: atom_id res chain seq x y z
N GLY A 6 -4.36 11.45 -18.09
CA GLY A 6 -2.94 11.21 -18.15
C GLY A 6 -2.17 12.28 -18.90
N GLU A 7 -1.31 13.00 -18.18
CA GLU A 7 -0.50 14.06 -18.75
C GLU A 7 0.96 13.85 -18.41
N ILE A 8 1.84 14.33 -19.29
CA ILE A 8 3.28 14.18 -19.09
C ILE A 8 3.73 15.22 -18.08
N VAL A 9 4.44 14.75 -17.05
CA VAL A 9 4.93 15.61 -15.97
C VAL A 9 6.46 15.47 -15.95
N LYS A 10 7.14 16.33 -16.70
CA LYS A 10 8.60 16.40 -16.65
C LYS A 10 9.09 17.04 -15.35
N THR A 11 8.47 18.14 -14.95
CA THR A 11 8.78 18.83 -13.70
C THR A 11 7.49 19.10 -12.94
N VAL A 12 7.63 19.34 -11.64
CA VAL A 12 6.45 19.58 -10.82
C VAL A 12 5.76 20.87 -11.26
N ALA A 13 4.51 21.03 -10.80
CA ALA A 13 3.67 22.13 -11.26
C ALA A 13 4.24 23.48 -10.82
N ASN A 14 3.99 24.49 -11.62
CA ASN A 14 4.41 25.85 -11.30
C ASN A 14 3.35 26.54 -10.45
N THR A 15 3.70 27.72 -9.95
CA THR A 15 2.81 28.53 -9.13
C THR A 15 2.55 29.86 -9.84
N VAL A 16 1.29 30.27 -9.88
CA VAL A 16 0.90 31.53 -10.51
C VAL A 16 0.53 32.53 -9.42
N GLU A 17 0.74 33.81 -9.72
CA GLU A 17 0.46 34.87 -8.77
C GLU A 17 -1.05 35.07 -8.64
N SER A 18 -1.50 35.47 -7.45
CA SER A 18 -2.91 35.63 -7.15
C SER A 18 -3.14 36.98 -6.46
N GLU A 19 -4.40 37.39 -6.39
CA GLU A 19 -4.79 38.62 -5.74
C GLU A 19 -5.83 38.33 -4.65
N ILE A 20 -6.39 39.42 -4.10
CA ILE A 20 -7.47 39.29 -3.12
C ILE A 20 -8.65 38.57 -3.76
N LYS A 21 -9.22 37.62 -3.02
CA LYS A 21 -10.34 36.83 -3.51
C LYS A 21 -11.42 36.83 -2.44
N ALA A 22 -12.50 37.58 -2.69
CA ALA A 22 -13.67 37.62 -1.83
C ALA A 22 -14.90 37.53 -2.72
N GLU A 23 -15.33 36.31 -3.01
CA GLU A 23 -16.46 36.05 -3.90
C GLU A 23 -17.46 35.13 -3.21
N LEU A 24 -18.74 35.40 -3.42
CA LEU A 24 -19.79 34.57 -2.85
C LEU A 24 -20.00 33.31 -3.69
N GLY A 25 -20.22 32.19 -3.02
CA GLY A 25 -20.47 30.94 -3.71
C GLY A 25 -19.24 30.19 -4.15
N VAL A 26 -18.05 30.68 -3.85
CA VAL A 26 -16.80 30.01 -4.20
C VAL A 26 -16.08 29.69 -2.90
N ILE A 27 -15.91 28.40 -2.63
CA ILE A 27 -15.28 27.94 -1.40
C ILE A 27 -14.21 26.89 -1.72
N PRO A 28 -13.06 27.30 -2.29
CA PRO A 28 -12.03 26.31 -2.61
C PRO A 28 -11.50 25.56 -1.40
N SER A 29 -11.42 26.20 -0.23
CA SER A 29 -10.86 25.55 0.94
C SER A 29 -11.76 24.46 1.49
N LEU A 30 -13.07 24.58 1.31
CA LEU A 30 -14.01 23.57 1.80
C LEU A 30 -14.08 22.40 0.83
N ASN A 31 -14.04 21.19 1.39
CA ASN A 31 -14.06 19.97 0.59
C ASN A 31 -15.00 18.95 1.23
N ALA A 32 -15.44 18.01 0.42
CA ALA A 32 -16.27 16.88 0.87
C ALA A 32 -15.46 15.61 0.68
N VAL A 33 -14.69 15.24 1.71
CA VAL A 33 -13.88 14.03 1.60
C VAL A 33 -14.73 12.78 1.75
N GLU A 34 -16.01 12.93 2.11
CA GLU A 34 -16.90 11.79 2.18
C GLU A 34 -17.12 11.16 0.81
N THR A 35 -16.89 11.93 -0.26
CA THR A 35 -17.04 11.40 -1.61
C THR A 35 -15.90 10.45 -1.98
N GLY A 36 -14.86 10.37 -1.17
CA GLY A 36 -13.70 9.57 -1.47
C GLY A 36 -12.68 10.26 -2.37
N ALA A 37 -12.87 11.54 -2.67
CA ALA A 37 -11.95 12.26 -3.55
C ALA A 37 -11.00 13.13 -2.73
N THR A 38 -9.73 13.09 -3.08
CA THR A 38 -8.73 13.93 -2.42
C THR A 38 -9.03 15.40 -2.66
N SER A 39 -8.83 16.21 -1.62
CA SER A 39 -9.10 17.64 -1.70
C SER A 39 -8.29 18.28 -2.82
N ASN A 40 -8.98 19.11 -3.62
CA ASN A 40 -8.38 19.76 -4.78
C ASN A 40 -8.01 21.22 -4.52
N THR A 41 -8.00 21.65 -3.26
CA THR A 41 -7.71 23.05 -2.96
C THR A 41 -6.28 23.39 -3.36
N GLU A 42 -6.13 24.21 -4.40
CA GLU A 42 -4.84 24.62 -4.89
C GLU A 42 -4.22 25.70 -3.99
N PRO A 43 -2.89 25.67 -3.83
CA PRO A 43 -2.25 26.70 -3.00
C PRO A 43 -2.43 28.11 -3.54
N GLU A 44 -2.64 28.24 -4.86
CA GLU A 44 -2.67 29.56 -5.47
C GLU A 44 -3.82 30.41 -4.96
N GLU A 45 -5.01 29.84 -4.81
CA GLU A 45 -6.16 30.60 -4.35
C GLU A 45 -6.60 30.23 -2.95
N ALA A 46 -5.90 29.32 -2.27
CA ALA A 46 -6.07 29.10 -0.84
C ALA A 46 -5.36 30.17 -0.01
N ILE A 47 -4.18 30.59 -0.44
CA ILE A 47 -3.42 31.64 0.22
C ILE A 47 -2.97 32.64 -0.83
N GLN A 48 -2.17 33.61 -0.39
CA GLN A 48 -1.70 34.68 -1.23
C GLN A 48 -0.32 34.31 -1.77
N THR A 49 -0.23 33.97 -3.06
CA THR A 49 0.96 33.39 -3.64
C THR A 49 1.59 34.30 -4.70
N ARG A 50 2.82 33.97 -5.06
CA ARG A 50 3.57 34.64 -6.11
C ARG A 50 3.83 33.68 -7.27
N THR A 51 4.55 34.18 -8.27
CA THR A 51 4.89 33.37 -9.44
C THR A 51 6.21 32.64 -9.21
N VAL A 52 6.14 31.32 -9.17
CA VAL A 52 7.31 30.47 -8.96
C VAL A 52 7.37 29.46 -10.10
N ILE A 53 8.53 29.34 -10.73
CA ILE A 53 8.74 28.41 -11.84
C ILE A 53 9.72 27.35 -11.34
N ASN A 54 9.31 26.09 -11.44
CA ASN A 54 10.09 24.98 -10.89
C ASN A 54 10.76 24.18 -12.01
N MET A 55 12.07 23.99 -11.89
CA MET A 55 12.82 23.11 -12.78
C MET A 55 13.10 21.76 -12.13
N HIS A 56 12.44 21.46 -11.00
CA HIS A 56 12.71 20.23 -10.27
C HIS A 56 12.23 19.02 -11.05
N GLY A 57 13.15 18.10 -11.36
CA GLY A 57 12.79 16.91 -12.08
C GLY A 57 12.09 15.89 -11.22
N THR A 58 11.31 15.01 -11.87
CA THR A 58 10.57 13.97 -11.20
C THR A 58 10.98 12.56 -11.63
N ALA A 59 12.15 12.42 -12.26
CA ALA A 59 12.57 11.12 -12.78
C ALA A 59 12.86 10.12 -11.67
N GLU A 60 13.48 10.56 -10.58
CA GLU A 60 13.82 9.65 -9.50
C GLU A 60 12.61 9.17 -8.71
N CYS A 61 11.48 9.88 -8.80
CA CYS A 61 10.25 9.44 -8.15
C CYS A 61 9.46 8.43 -8.97
N LEU A 62 9.93 8.05 -10.15
CA LEU A 62 9.23 7.05 -10.96
C LEU A 62 9.37 5.68 -10.33
N VAL A 63 8.40 4.79 -10.62
CA VAL A 63 8.49 3.40 -10.19
C VAL A 63 9.68 2.71 -10.82
N GLU A 64 10.02 3.11 -12.06
CA GLU A 64 11.22 2.61 -12.73
C GLU A 64 12.45 2.78 -11.85
N ASN A 65 12.62 3.95 -11.25
CA ASN A 65 13.77 4.18 -10.37
C ASN A 65 13.49 3.77 -8.94
N PHE A 66 12.23 3.75 -8.52
CA PHE A 66 11.90 3.33 -7.16
C PHE A 66 12.21 1.86 -6.94
N LEU A 67 11.92 1.01 -7.93
CA LEU A 67 12.12 -0.43 -7.78
C LEU A 67 13.31 -0.96 -8.55
N GLY A 68 13.70 -0.31 -9.64
CA GLY A 68 14.81 -0.81 -10.44
C GLY A 68 16.16 -0.57 -9.82
N ARG A 69 16.39 -1.14 -8.64
CA ARG A 69 17.58 -0.84 -7.86
C ARG A 69 17.96 -2.12 -7.14
N SER A 70 19.20 -2.56 -7.33
CA SER A 70 19.61 -3.90 -6.94
C SER A 70 19.56 -4.11 -5.43
N ALA A 71 18.79 -5.10 -5.00
CA ALA A 71 18.54 -5.37 -3.60
C ALA A 71 18.82 -6.84 -3.29
N LEU A 72 19.37 -7.09 -2.11
CA LEU A 72 19.64 -8.44 -1.66
C LEU A 72 18.33 -9.20 -1.45
N VAL A 73 18.27 -10.42 -1.95
CA VAL A 73 17.09 -11.26 -1.77
C VAL A 73 17.47 -12.64 -1.25
N CYS A 74 18.75 -13.00 -1.31
CA CYS A 74 19.14 -14.30 -0.77
C CYS A 74 20.52 -14.21 -0.14
N MET A 75 20.74 -15.00 0.91
CA MET A 75 22.07 -15.19 1.47
C MET A 75 22.11 -16.57 2.12
N ARG A 76 22.81 -17.51 1.48
CA ARG A 76 23.04 -18.85 1.99
C ARG A 76 24.52 -19.05 2.30
N SER A 77 24.80 -19.61 3.46
CA SER A 77 26.17 -19.98 3.85
C SER A 77 26.21 -21.47 4.11
N PHE A 78 27.18 -22.17 3.52
CA PHE A 78 27.33 -23.60 3.73
C PHE A 78 28.79 -24.00 3.85
N GLU A 79 29.00 -25.17 4.44
CA GLU A 79 30.33 -25.72 4.66
C GLU A 79 30.80 -26.45 3.40
N TYR A 80 32.03 -26.16 2.98
CA TYR A 80 32.67 -26.83 1.85
C TYR A 80 33.79 -27.69 2.42
N LYS A 81 33.53 -28.98 2.57
CA LYS A 81 34.48 -29.88 3.23
C LYS A 81 34.18 -31.31 2.80
N ASN A 82 34.80 -32.26 3.50
CA ASN A 82 34.47 -33.67 3.40
C ASN A 82 33.29 -33.97 4.31
N HIS A 83 32.12 -34.22 3.73
CA HIS A 83 30.97 -34.63 4.50
C HIS A 83 30.79 -36.15 4.53
N SER A 84 31.70 -36.91 3.93
CA SER A 84 31.59 -38.35 3.93
C SER A 84 31.85 -38.92 5.32
N THR A 85 31.21 -40.04 5.61
CA THR A 85 31.33 -40.73 6.88
C THR A 85 31.51 -42.22 6.57
N SER A 86 31.32 -43.06 7.60
CA SER A 86 31.48 -44.51 7.43
C SER A 86 30.67 -45.02 6.24
N THR A 87 29.40 -44.62 6.15
CA THR A 87 28.57 -44.88 4.97
C THR A 87 27.69 -43.67 4.74
N SER A 88 28.18 -42.71 3.96
CA SER A 88 27.38 -41.55 3.59
C SER A 88 27.25 -41.45 2.07
N SER A 89 28.39 -41.46 1.37
CA SER A 89 28.47 -41.33 -0.08
C SER A 89 27.80 -40.07 -0.60
N ILE A 90 27.61 -39.07 0.26
CA ILE A 90 26.97 -37.81 -0.11
C ILE A 90 27.90 -36.68 0.31
N GLN A 91 28.27 -35.83 -0.64
CA GLN A 91 29.16 -34.72 -0.36
C GLN A 91 28.42 -33.52 0.24
N LYS A 92 27.25 -33.20 -0.30
CA LYS A 92 26.37 -32.16 0.25
C LYS A 92 27.11 -30.82 0.35
N ASN A 93 27.90 -30.50 -0.67
CA ASN A 93 28.53 -29.18 -0.78
C ASN A 93 27.74 -28.29 -1.74
N PHE A 94 26.48 -28.03 -1.37
CA PHE A 94 25.56 -27.31 -2.23
C PHE A 94 24.39 -26.83 -1.40
N PHE A 95 23.59 -25.96 -1.99
CA PHE A 95 22.37 -25.48 -1.34
C PHE A 95 21.26 -25.29 -2.36
N ILE A 96 20.03 -25.35 -1.84
CA ILE A 96 18.81 -25.06 -2.57
C ILE A 96 18.15 -23.86 -1.90
N TRP A 97 17.40 -23.08 -2.66
CA TRP A 97 16.84 -21.84 -2.12
C TRP A 97 15.31 -21.82 -2.06
N THR A 98 14.63 -22.62 -2.89
CA THR A 98 13.17 -22.56 -2.99
C THR A 98 12.77 -21.13 -3.33
N LEU A 99 13.01 -20.76 -4.59
CA LEU A 99 13.00 -19.38 -5.07
C LEU A 99 11.81 -18.57 -4.53
N ASN A 100 12.11 -17.41 -3.94
CA ASN A 100 11.13 -16.50 -3.38
C ASN A 100 11.79 -15.14 -3.20
N THR A 101 10.99 -14.14 -2.82
CA THR A 101 11.50 -12.79 -2.61
C THR A 101 10.91 -12.15 -1.36
N ARG A 102 10.87 -12.90 -0.26
CA ARG A 102 10.35 -12.39 1.00
C ARG A 102 11.26 -12.57 2.20
N GLU A 103 12.50 -13.04 2.01
CA GLU A 103 13.35 -13.31 3.17
C GLU A 103 14.02 -12.04 3.70
N LEU A 104 14.18 -11.02 2.86
CA LEU A 104 14.77 -9.76 3.27
C LEU A 104 13.67 -8.71 3.38
N VAL A 105 13.60 -8.03 4.52
CA VAL A 105 12.43 -7.21 4.83
C VAL A 105 12.34 -5.97 3.96
N GLN A 106 13.46 -5.34 3.62
CA GLN A 106 13.40 -4.09 2.85
C GLN A 106 12.87 -4.33 1.44
N ILE A 107 13.45 -5.31 0.74
CA ILE A 107 12.99 -5.63 -0.59
C ILE A 107 11.56 -6.17 -0.55
N ARG A 108 11.23 -6.92 0.50
CA ARG A 108 9.87 -7.45 0.65
C ARG A 108 8.86 -6.33 0.80
N ARG A 109 9.18 -5.33 1.62
CA ARG A 109 8.28 -4.19 1.81
C ARG A 109 8.13 -3.40 0.53
N LYS A 110 9.21 -3.24 -0.24
CA LYS A 110 9.09 -2.49 -1.49
C LYS A 110 8.38 -3.30 -2.56
N MET A 111 8.41 -4.63 -2.46
CA MET A 111 7.55 -5.45 -3.30
C MET A 111 6.09 -5.24 -2.93
N GLU A 112 5.81 -5.21 -1.64
CA GLU A 112 4.43 -5.20 -1.16
C GLU A 112 3.87 -3.79 -1.02
N LEU A 113 4.59 -2.77 -1.47
CA LEU A 113 3.98 -1.46 -1.64
C LEU A 113 2.97 -1.44 -2.80
N PHE A 114 2.97 -2.44 -3.68
CA PHE A 114 2.03 -2.50 -4.79
C PHE A 114 1.39 -3.88 -4.84
N THR A 115 0.13 -3.93 -5.28
CA THR A 115 -0.57 -5.21 -5.38
C THR A 115 0.00 -6.07 -6.49
N TYR A 116 0.19 -5.50 -7.67
CA TYR A 116 0.66 -6.26 -8.83
C TYR A 116 1.93 -5.62 -9.37
N LEU A 117 2.89 -6.47 -9.71
CA LEU A 117 4.17 -6.02 -10.28
C LEU A 117 4.52 -6.91 -11.46
N ARG A 118 4.92 -6.30 -12.56
CA ARG A 118 5.42 -7.03 -13.73
C ARG A 118 6.77 -6.45 -14.09
N PHE A 119 7.80 -7.30 -14.12
CA PHE A 119 9.16 -6.85 -14.39
C PHE A 119 10.03 -8.03 -14.80
N ASP A 120 11.07 -7.74 -15.56
CA ASP A 120 12.15 -8.70 -15.80
C ASP A 120 13.30 -8.41 -14.85
N THR A 121 13.80 -9.42 -14.17
CA THR A 121 14.72 -9.20 -13.07
C THR A 121 16.15 -9.55 -13.46
N GLU A 122 17.08 -8.66 -13.12
CA GLU A 122 18.50 -8.93 -13.28
C GLU A 122 19.03 -9.51 -11.97
N ILE A 123 19.70 -10.65 -12.06
CA ILE A 123 20.17 -11.38 -10.89
C ILE A 123 21.69 -11.35 -10.86
N THR A 124 22.23 -10.97 -9.71
CA THR A 124 23.67 -10.93 -9.47
C THR A 124 24.01 -11.85 -8.31
N ILE A 125 25.03 -12.68 -8.48
CA ILE A 125 25.46 -13.61 -7.46
C ILE A 125 26.88 -13.23 -7.04
N VAL A 126 27.05 -12.95 -5.75
CA VAL A 126 28.33 -12.58 -5.16
C VAL A 126 28.73 -13.67 -4.17
N PRO A 127 29.77 -14.43 -4.47
CA PRO A 127 30.29 -15.42 -3.50
C PRO A 127 31.44 -14.88 -2.67
N THR A 128 31.53 -15.39 -1.45
CA THR A 128 32.64 -15.07 -0.55
C THR A 128 33.09 -16.34 0.15
N LEU A 129 34.40 -16.43 0.40
CA LEU A 129 35.01 -17.59 1.05
C LEU A 129 35.60 -17.21 2.40
N ARG A 130 35.66 -18.20 3.29
CA ARG A 130 36.43 -18.11 4.52
C ARG A 130 36.95 -19.49 4.89
N LEU A 131 37.99 -19.51 5.73
CA LEU A 131 38.40 -20.76 6.36
C LEU A 131 37.70 -20.92 7.71
N PHE A 132 37.26 -22.14 7.98
CA PHE A 132 36.74 -22.44 9.31
C PHE A 132 37.91 -22.45 10.29
N SER A 133 37.70 -21.87 11.46
CA SER A 133 38.75 -21.81 12.47
C SER A 133 38.79 -23.12 13.26
N SER A 134 39.66 -24.03 12.85
CA SER A 134 39.83 -25.29 13.53
C SER A 134 40.90 -25.16 14.61
N SER A 135 41.21 -26.29 15.26
CA SER A 135 42.24 -26.30 16.30
C SER A 135 43.60 -25.98 15.69
N ASN A 136 43.90 -26.54 14.52
CA ASN A 136 45.17 -26.32 13.83
C ASN A 136 44.91 -25.95 12.37
N VAL A 137 44.68 -24.66 12.12
CA VAL A 137 44.40 -24.16 10.78
C VAL A 137 45.42 -23.05 10.48
N SER A 138 45.91 -23.02 9.25
CA SER A 138 46.85 -21.99 8.79
C SER A 138 46.32 -21.41 7.49
N PHE A 139 46.20 -20.09 7.45
CA PHE A 139 45.67 -19.43 6.26
C PHE A 139 46.73 -18.57 5.59
N SER A 140 46.97 -18.82 4.30
CA SER A 140 47.78 -17.92 3.49
C SER A 140 47.19 -17.76 2.10
N GLY A 141 45.87 -17.81 1.97
CA GLY A 141 45.24 -17.63 0.67
C GLY A 141 43.91 -18.35 0.49
N LEU A 142 43.05 -17.81 -0.37
CA LEU A 142 41.75 -18.41 -0.65
C LEU A 142 41.76 -19.03 -2.04
N PRO A 143 41.33 -20.28 -2.20
CA PRO A 143 41.33 -20.89 -3.53
C PRO A 143 40.33 -20.23 -4.47
N ASN A 144 40.63 -20.26 -5.76
CA ASN A 144 39.75 -19.73 -6.78
C ASN A 144 38.83 -20.86 -7.26
N LEU A 145 37.79 -21.11 -6.47
CA LEU A 145 36.89 -22.23 -6.72
C LEU A 145 35.92 -21.91 -7.86
N THR A 146 35.43 -22.96 -8.51
CA THR A 146 34.39 -22.81 -9.51
C THR A 146 33.04 -23.16 -8.92
N LEU A 147 32.05 -22.30 -9.14
CA LEU A 147 30.71 -22.47 -8.62
C LEU A 147 29.72 -22.52 -9.77
N GLN A 148 28.78 -23.46 -9.68
CA GLN A 148 27.72 -23.62 -10.67
C GLN A 148 26.39 -23.30 -10.00
N ALA A 149 25.70 -22.29 -10.52
CA ALA A 149 24.37 -21.96 -10.05
C ALA A 149 23.38 -22.30 -11.15
N MET A 150 22.49 -23.26 -10.88
CA MET A 150 21.57 -23.77 -11.88
C MET A 150 20.14 -23.53 -11.40
N TYR A 151 19.30 -23.00 -12.27
CA TYR A 151 17.90 -22.80 -11.94
C TYR A 151 17.12 -24.06 -12.28
N VAL A 152 16.48 -24.66 -11.28
CA VAL A 152 15.66 -25.85 -11.48
C VAL A 152 14.20 -25.44 -11.45
N PRO A 153 13.49 -25.47 -12.59
CA PRO A 153 12.09 -25.05 -12.59
C PRO A 153 11.19 -26.04 -11.84
N THR A 154 9.91 -25.68 -11.75
CA THR A 154 8.95 -26.50 -11.02
C THR A 154 8.80 -27.87 -11.66
N GLY A 155 8.83 -28.91 -10.83
CA GLY A 155 8.64 -30.27 -11.28
C GLY A 155 9.87 -30.95 -11.83
N ALA A 156 10.99 -30.24 -11.95
CA ALA A 156 12.23 -30.83 -12.40
C ALA A 156 12.98 -31.44 -11.22
N ARG A 157 14.01 -32.21 -11.54
CA ARG A 157 14.76 -32.93 -10.52
C ARG A 157 15.59 -31.98 -9.67
N LYS A 158 15.65 -32.25 -8.40
CA LYS A 158 16.49 -31.57 -7.43
C LYS A 158 17.76 -32.39 -7.16
N PRO A 159 18.93 -31.82 -7.41
CA PRO A 159 20.16 -32.52 -7.08
C PRO A 159 20.25 -32.83 -5.59
N SER A 160 20.79 -34.01 -5.27
CA SER A 160 20.86 -34.48 -3.90
C SER A 160 22.27 -34.44 -3.32
N SER A 161 23.28 -34.16 -4.14
CA SER A 161 24.66 -34.13 -3.66
C SER A 161 25.50 -33.31 -4.63
N GLN A 162 26.73 -33.03 -4.22
CA GLN A 162 27.67 -32.35 -5.10
C GLN A 162 28.01 -33.19 -6.31
N ASP A 163 28.15 -34.50 -6.12
CA ASP A 163 28.52 -35.41 -7.19
C ASP A 163 27.31 -35.96 -7.95
N SER A 164 26.11 -35.45 -7.66
CA SER A 164 24.91 -35.92 -8.34
C SER A 164 24.98 -35.58 -9.84
N PHE A 165 24.20 -36.30 -10.61
CA PHE A 165 24.19 -36.15 -12.06
C PHE A 165 23.02 -35.32 -12.58
N GLU A 166 22.36 -34.58 -11.70
CA GLU A 166 21.38 -33.60 -12.18
C GLU A 166 22.05 -32.28 -12.51
N TRP A 167 23.37 -32.19 -12.34
CA TRP A 167 24.12 -30.98 -12.65
C TRP A 167 24.57 -30.92 -14.10
N GLN A 168 24.09 -31.82 -14.96
CA GLN A 168 24.43 -31.78 -16.38
C GLN A 168 23.96 -30.48 -17.02
N SER A 169 22.80 -29.98 -16.59
CA SER A 169 22.23 -28.74 -17.11
C SER A 169 22.04 -28.79 -18.63
N ALA A 170 21.56 -29.95 -19.11
CA ALA A 170 21.28 -30.07 -20.54
C ALA A 170 20.16 -29.14 -20.98
N CYS A 171 19.20 -28.87 -20.10
CA CYS A 171 18.12 -27.95 -20.41
C CYS A 171 18.01 -26.87 -19.35
N ASN A 172 18.29 -27.23 -18.11
CA ASN A 172 18.27 -26.26 -17.02
C ASN A 172 19.35 -25.22 -17.23
N PRO A 173 19.01 -23.93 -17.26
CA PRO A 173 20.04 -22.90 -17.40
C PRO A 173 20.93 -22.87 -16.16
N SER A 174 22.24 -22.86 -16.39
CA SER A 174 23.21 -22.80 -15.30
C SER A 174 24.32 -21.83 -15.69
N VAL A 175 24.92 -21.22 -14.67
CA VAL A 175 26.00 -20.28 -14.84
C VAL A 175 27.19 -20.76 -14.01
N PHE A 176 28.36 -20.77 -14.64
CA PHE A 176 29.61 -21.15 -13.99
C PHE A 176 30.45 -19.89 -13.76
N PHE A 177 30.93 -19.71 -12.53
CA PHE A 177 31.71 -18.51 -12.21
C PHE A 177 32.70 -18.81 -11.10
N LYS A 178 33.75 -18.00 -11.03
CA LYS A 178 34.78 -18.23 -10.03
C LYS A 178 34.63 -17.21 -8.89
N ILE A 179 35.37 -17.46 -7.82
CA ILE A 179 35.37 -16.54 -6.68
C ILE A 179 36.03 -15.22 -7.07
N ASN A 180 37.18 -15.29 -7.72
CA ASN A 180 37.95 -14.09 -8.07
C ASN A 180 37.41 -13.36 -9.29
N ASP A 181 36.54 -13.99 -10.07
CA ASP A 181 35.91 -13.32 -11.20
C ASP A 181 34.88 -12.31 -10.71
N PRO A 182 34.46 -11.39 -11.57
CA PRO A 182 33.36 -10.50 -11.21
C PRO A 182 32.12 -11.30 -10.88
N PRO A 183 31.27 -10.77 -10.00
CA PRO A 183 30.08 -11.54 -9.58
C PRO A 183 29.21 -11.88 -10.77
N ALA A 184 28.62 -13.08 -10.72
CA ALA A 184 27.85 -13.56 -11.86
C ALA A 184 26.61 -12.70 -12.06
N ARG A 185 26.20 -12.54 -13.31
CA ARG A 185 25.04 -11.71 -13.61
C ARG A 185 24.28 -12.29 -14.79
N LEU A 186 22.95 -12.27 -14.69
CA LEU A 186 22.09 -12.75 -15.77
C LEU A 186 20.73 -12.11 -15.61
N THR A 187 19.80 -12.46 -16.52
CA THR A 187 18.47 -11.87 -16.55
C THR A 187 17.40 -12.95 -16.67
N ILE A 188 16.44 -12.92 -15.75
CA ILE A 188 15.21 -13.71 -15.81
C ILE A 188 14.10 -12.85 -16.41
N PRO A 189 13.47 -13.29 -17.49
CA PRO A 189 12.31 -12.57 -18.02
C PRO A 189 11.12 -12.70 -17.08
N PHE A 190 10.07 -11.94 -17.40
CA PHE A 190 8.82 -12.07 -16.68
C PHE A 190 8.26 -13.47 -16.89
N MET A 191 8.25 -14.29 -15.84
CA MET A 191 8.00 -15.72 -15.97
C MET A 191 6.75 -16.19 -15.23
N SER A 192 5.82 -15.29 -14.94
CA SER A 192 4.59 -15.70 -14.29
C SER A 192 3.59 -16.24 -15.31
N ILE A 193 2.83 -17.24 -14.89
CA ILE A 193 1.76 -17.76 -15.73
C ILE A 193 0.66 -16.74 -15.94
N ASN A 194 0.53 -15.77 -15.02
CA ASN A 194 -0.43 -14.69 -15.14
C ASN A 194 0.24 -13.47 -15.79
N SER A 195 -0.52 -12.38 -15.87
CA SER A 195 0.00 -11.16 -16.48
C SER A 195 0.87 -10.34 -15.54
N ALA A 196 0.88 -10.64 -14.24
CA ALA A 196 1.69 -9.90 -13.30
C ALA A 196 1.94 -10.76 -12.07
N TYR A 197 3.03 -10.45 -11.37
CA TYR A 197 3.27 -11.05 -10.06
C TYR A 197 2.33 -10.45 -9.04
N ALA A 198 1.83 -11.30 -8.13
CA ALA A 198 0.94 -10.87 -7.07
C ALA A 198 1.67 -10.98 -5.74
N ASN A 199 1.85 -9.84 -5.08
CA ASN A 199 2.45 -9.84 -3.75
C ASN A 199 1.51 -10.39 -2.68
N PHE A 200 0.20 -10.28 -2.90
CA PHE A 200 -0.79 -10.82 -1.99
C PHE A 200 -1.70 -11.75 -2.77
N TYR A 201 -2.14 -12.82 -2.12
CA TYR A 201 -3.12 -13.75 -2.70
C TYR A 201 -4.13 -14.07 -1.62
N ASP A 202 -5.31 -13.45 -1.72
CA ASP A 202 -6.41 -13.69 -0.78
C ASP A 202 -7.15 -14.95 -1.23
N GLY A 203 -6.56 -16.09 -0.92
CA GLY A 203 -7.16 -17.36 -1.30
C GLY A 203 -6.21 -18.51 -1.05
N PHE A 204 -6.53 -19.63 -1.69
CA PHE A 204 -5.80 -20.87 -1.54
C PHE A 204 -5.29 -21.35 -2.89
N ALA A 205 -4.11 -21.96 -2.90
CA ALA A 205 -3.45 -22.39 -4.12
C ALA A 205 -3.91 -23.77 -4.58
N GLY A 206 -4.76 -24.45 -3.83
CA GLY A 206 -5.22 -25.77 -4.17
C GLY A 206 -6.73 -25.89 -4.08
N PHE A 207 -7.29 -26.85 -4.80
CA PHE A 207 -8.73 -27.08 -4.78
C PHE A 207 -9.19 -27.70 -3.47
N GLU A 208 -8.26 -28.15 -2.63
CA GLU A 208 -8.57 -28.91 -1.45
C GLU A 208 -9.23 -28.04 -0.39
N LYS A 209 -9.90 -28.69 0.57
CA LYS A 209 -10.49 -28.04 1.72
C LYS A 209 -9.79 -28.45 3.02
N LYS A 210 -8.62 -29.05 2.91
CA LYS A 210 -7.89 -29.55 4.08
C LYS A 210 -7.11 -28.42 4.74
N ALA A 211 -6.52 -28.74 5.89
CA ALA A 211 -5.69 -27.76 6.59
C ALA A 211 -4.29 -27.72 5.99
N THR A 212 -3.96 -28.70 5.15
CA THR A 212 -2.63 -28.73 4.53
C THR A 212 -2.45 -27.57 3.56
N VAL A 213 -3.51 -27.15 2.88
CA VAL A 213 -3.45 -26.03 1.94
C VAL A 213 -3.42 -24.75 2.77
N LEU A 214 -2.28 -24.08 2.76
CA LEU A 214 -2.11 -22.87 3.56
C LEU A 214 -2.75 -21.67 2.88
N TYR A 215 -3.44 -20.86 3.67
CA TYR A 215 -4.03 -19.64 3.16
C TYR A 215 -2.96 -18.65 2.75
N GLY A 216 -3.19 -17.94 1.65
CA GLY A 216 -2.30 -16.92 1.17
C GLY A 216 -1.26 -17.41 0.17
N ILE A 217 -1.15 -18.72 -0.03
CA ILE A 217 -0.22 -19.25 -1.02
C ILE A 217 -0.81 -19.05 -2.41
N ASN A 218 -0.03 -18.43 -3.28
CA ASN A 218 -0.44 -18.12 -4.64
C ASN A 218 -0.14 -19.28 -5.56
N PRO A 219 -1.11 -19.82 -6.31
CA PRO A 219 -0.78 -20.84 -7.31
C PRO A 219 -0.21 -20.21 -8.57
N ALA A 220 0.62 -19.20 -8.38
CA ALA A 220 1.44 -18.63 -9.43
C ALA A 220 2.82 -18.26 -8.94
N ASN A 221 3.10 -18.45 -7.65
CA ASN A 221 4.38 -18.12 -7.05
C ASN A 221 5.31 -19.33 -6.93
N THR A 222 4.97 -20.44 -7.58
CA THR A 222 5.86 -21.61 -7.62
C THR A 222 7.00 -21.27 -8.58
N MET A 223 7.90 -20.43 -8.10
CA MET A 223 9.01 -19.90 -8.88
C MET A 223 10.06 -20.95 -9.23
N GLY A 224 10.07 -22.09 -8.54
CA GLY A 224 11.11 -23.07 -8.76
C GLY A 224 12.15 -23.03 -7.67
N ASN A 225 13.37 -23.44 -8.03
CA ASN A 225 14.46 -23.55 -7.08
C ASN A 225 15.76 -23.07 -7.72
N LEU A 226 16.70 -22.65 -6.87
CA LEU A 226 18.05 -22.29 -7.28
C LEU A 226 19.03 -23.20 -6.57
N CYS A 227 19.70 -24.05 -7.35
CA CYS A 227 20.63 -25.05 -6.82
C CYS A 227 22.04 -24.53 -7.10
N LEU A 228 22.79 -24.23 -6.04
CA LEU A 228 24.14 -23.72 -6.19
C LEU A 228 25.13 -24.71 -5.58
N ARG A 229 26.19 -25.00 -6.33
CA ARG A 229 27.15 -26.04 -5.99
C ARG A 229 28.55 -25.52 -6.19
N VAL A 230 29.49 -26.06 -5.40
CA VAL A 230 30.91 -25.89 -5.68
C VAL A 230 31.32 -26.97 -6.66
N VAL A 231 31.73 -26.57 -7.86
CA VAL A 231 32.11 -27.54 -8.89
C VAL A 231 33.34 -28.33 -8.44
N ASN A 232 34.32 -27.64 -7.85
CA ASN A 232 35.50 -28.32 -7.35
C ASN A 232 35.13 -29.32 -6.26
N SER A 233 35.81 -30.47 -6.26
CA SER A 233 35.59 -31.44 -5.20
C SER A 233 36.12 -30.90 -3.88
N TYR A 234 35.86 -31.67 -2.81
CA TYR A 234 36.21 -31.24 -1.47
C TYR A 234 37.72 -31.06 -1.33
N GLN A 235 38.10 -30.17 -0.43
CA GLN A 235 39.50 -29.87 -0.17
C GLN A 235 39.97 -30.64 1.07
N PRO A 236 41.29 -30.77 1.27
CA PRO A 236 41.78 -31.39 2.51
C PRO A 236 41.37 -30.65 3.77
N VAL A 237 41.17 -29.33 3.71
CA VAL A 237 40.77 -28.53 4.86
C VAL A 237 39.44 -27.85 4.58
N GLN A 238 38.74 -27.53 5.67
CA GLN A 238 37.35 -27.10 5.61
C GLN A 238 37.26 -25.61 5.26
N TYR A 239 36.32 -25.28 4.38
CA TYR A 239 36.01 -23.90 4.03
C TYR A 239 34.54 -23.60 4.30
N THR A 240 34.18 -22.32 4.21
CA THR A 240 32.78 -21.90 4.29
C THR A 240 32.53 -20.90 3.17
N LEU A 241 31.46 -21.15 2.41
CA LEU A 241 31.08 -20.31 1.29
C LEU A 241 29.76 -19.61 1.60
N THR A 242 29.74 -18.29 1.44
CA THR A 242 28.55 -17.48 1.60
C THR A 242 28.19 -16.87 0.25
N VAL A 243 27.01 -17.19 -0.25
CA VAL A 243 26.53 -16.71 -1.54
C VAL A 243 25.41 -15.72 -1.27
N ARG A 244 25.53 -14.51 -1.84
CA ARG A 244 24.54 -13.47 -1.74
C ARG A 244 23.94 -13.24 -3.12
N VAL A 245 22.62 -13.31 -3.21
CA VAL A 245 21.89 -13.14 -4.47
C VAL A 245 21.12 -11.83 -4.40
N TYR A 246 21.42 -10.93 -5.34
CA TYR A 246 20.80 -9.62 -5.45
C TYR A 246 19.88 -9.58 -6.67
N MET A 247 18.73 -8.95 -6.48
CA MET A 247 17.65 -8.94 -7.47
C MET A 247 17.34 -7.50 -7.84
N LYS A 248 17.28 -7.21 -9.14
CA LYS A 248 17.04 -5.86 -9.64
C LYS A 248 15.93 -5.86 -10.66
N PRO A 249 14.74 -5.36 -10.33
CA PRO A 249 13.66 -5.29 -11.32
C PRO A 249 13.99 -4.33 -12.45
N LYS A 250 13.46 -4.63 -13.64
CA LYS A 250 13.55 -3.77 -14.80
C LYS A 250 12.26 -3.90 -15.60
N HIS A 251 11.98 -2.90 -16.43
CA HIS A 251 10.78 -2.88 -17.26
C HIS A 251 9.53 -3.06 -16.40
N ILE A 252 9.43 -2.24 -15.36
CA ILE A 252 8.48 -2.46 -14.28
C ILE A 252 7.17 -1.74 -14.57
N LYS A 253 6.06 -2.46 -14.42
CA LYS A 253 4.74 -1.84 -14.29
C LYS A 253 4.13 -2.29 -12.96
N ALA A 254 3.53 -1.33 -12.25
CA ALA A 254 2.95 -1.57 -10.95
C ALA A 254 1.46 -1.23 -10.98
N TRP A 255 0.68 -1.98 -10.23
CA TRP A 255 -0.77 -1.83 -10.18
C TRP A 255 -1.27 -1.89 -8.74
N ALA A 256 -2.28 -1.07 -8.46
CA ALA A 256 -3.04 -1.03 -7.21
C ALA A 256 -2.13 -0.87 -6.00
N PRO A 257 -1.64 0.33 -5.73
CA PRO A 257 -0.72 0.52 -4.59
C PRO A 257 -1.36 0.13 -3.28
N ARG A 258 -0.55 -0.44 -2.39
CA ARG A 258 -0.99 -1.03 -1.14
C ARG A 258 -0.85 -0.03 0.00
N ALA A 259 -1.30 -0.44 1.18
CA ALA A 259 -0.96 0.29 2.40
C ALA A 259 0.41 -0.20 2.89
N PRO A 260 1.34 0.71 3.19
CA PRO A 260 2.68 0.27 3.58
C PRO A 260 2.66 -0.60 4.82
N ARG A 261 3.53 -1.60 4.83
CA ARG A 261 3.66 -2.49 5.98
C ARG A 261 4.28 -1.76 7.16
N THR A 262 3.67 -1.90 8.33
CA THR A 262 4.10 -1.21 9.54
C THR A 262 4.74 -2.14 10.57
N MET A 263 4.38 -3.41 10.55
CA MET A 263 4.85 -4.31 11.60
C MET A 263 5.95 -5.22 11.05
N PRO A 264 6.89 -5.63 11.91
CA PRO A 264 7.96 -6.52 11.44
C PRO A 264 7.40 -7.85 10.95
N TYR A 265 8.00 -8.36 9.86
CA TYR A 265 7.62 -9.67 9.37
C TYR A 265 8.14 -10.76 10.30
N THR A 266 7.38 -11.85 10.41
CA THR A 266 7.77 -12.99 11.22
C THR A 266 8.17 -14.21 10.42
N ASN A 267 7.71 -14.33 9.18
CA ASN A 267 8.02 -15.49 8.34
C ASN A 267 7.78 -15.09 6.89
N ILE A 268 8.03 -16.04 5.99
CA ILE A 268 7.86 -15.81 4.56
C ILE A 268 6.61 -16.48 3.99
N LEU A 269 5.99 -17.39 4.73
CA LEU A 269 4.80 -18.08 4.23
C LEU A 269 3.57 -17.18 4.23
N ASN A 270 3.44 -16.30 5.22
CA ASN A 270 2.27 -15.44 5.34
C ASN A 270 2.72 -14.07 5.82
N ASN A 271 1.76 -13.17 5.96
CA ASN A 271 2.01 -11.82 6.46
C ASN A 271 1.54 -11.65 7.90
N ASN A 272 1.67 -12.70 8.71
CA ASN A 272 1.34 -12.59 10.12
C ASN A 272 2.36 -11.69 10.83
N TYR A 273 1.96 -11.21 12.00
CA TYR A 273 2.79 -10.26 12.74
C TYR A 273 2.59 -10.49 14.23
N ALA A 274 3.65 -10.27 15.00
CA ALA A 274 3.60 -10.35 16.44
C ALA A 274 3.63 -8.98 17.12
N GLY A 275 4.08 -7.95 16.42
CA GLY A 275 4.18 -6.62 16.98
C GLY A 275 5.36 -6.44 17.90
N ARG A 276 5.82 -5.20 18.06
CA ARG A 276 6.92 -4.93 18.97
C ARG A 276 6.38 -4.56 20.35
N SER A 277 7.23 -4.74 21.37
CA SER A 277 6.78 -4.66 22.75
C SER A 277 6.18 -3.30 23.08
N ALA A 278 6.83 -2.22 22.65
CA ALA A 278 6.38 -0.88 22.93
C ALA A 278 6.37 -0.07 21.64
N ALA A 279 5.70 1.08 21.69
CA ALA A 279 5.71 1.98 20.56
C ALA A 279 7.14 2.47 20.32
N PRO A 280 7.53 2.74 19.07
CA PRO A 280 6.74 2.73 17.84
C PRO A 280 6.48 1.34 17.24
N ASN A 281 5.54 1.28 16.30
CA ASN A 281 5.14 0.04 15.64
C ASN A 281 4.69 -1.01 16.65
N ALA A 282 4.03 -0.58 17.72
CA ALA A 282 3.43 -1.52 18.64
C ALA A 282 2.05 -1.96 18.12
N PRO A 283 1.55 -3.10 18.63
CA PRO A 283 0.20 -3.53 18.25
C PRO A 283 -0.86 -2.45 18.40
N THR A 284 -0.86 -1.72 19.50
CA THR A 284 -1.81 -0.66 19.75
C THR A 284 -1.23 0.72 19.50
N ALA A 285 0.03 0.79 19.05
CA ALA A 285 0.76 2.05 19.02
C ALA A 285 1.79 1.98 17.90
N ILE A 286 1.42 2.42 16.70
CA ILE A 286 2.38 2.44 15.61
C ILE A 286 3.36 3.60 15.79
N VAL A 287 2.85 4.76 16.16
CA VAL A 287 3.67 5.94 16.39
C VAL A 287 3.92 6.09 17.88
N SER A 288 5.12 6.53 18.23
CA SER A 288 5.50 6.64 19.64
C SER A 288 4.68 7.72 20.34
N HIS A 289 4.52 7.54 21.65
CA HIS A 289 3.71 8.46 22.45
C HIS A 289 4.37 9.83 22.54
N ARG A 290 3.54 10.85 22.75
CA ARG A 290 3.99 12.15 23.19
C ARG A 290 3.25 12.49 24.48
N SER A 291 3.64 13.61 25.09
CA SER A 291 3.09 13.97 26.40
C SER A 291 1.58 14.13 26.35
N THR A 292 1.10 15.13 25.62
CA THR A 292 -0.32 15.27 25.32
C THR A 292 -0.47 15.72 23.88
N ILE A 293 -1.73 15.92 23.47
CA ILE A 293 -2.00 16.41 22.12
C ILE A 293 -1.63 17.88 21.98
N LYS A 294 -1.38 18.57 23.08
CA LYS A 294 -1.05 20.00 23.06
C LYS A 294 0.41 20.29 23.36
N THR A 295 1.20 19.26 23.67
CA THR A 295 2.62 19.43 23.95
C THR A 295 3.28 19.24 22.59
N MET A 296 4.44 19.87 22.41
CA MET A 296 5.24 19.68 21.21
C MET A 296 6.51 18.93 21.64
N PRO A 297 6.75 17.73 21.13
CA PRO A 297 7.92 16.96 21.59
C PRO A 297 9.27 17.54 21.24
N ASN A 298 9.35 18.36 20.19
CA ASN A 298 10.60 18.95 19.74
C ASN A 298 10.54 20.48 19.76
N ASP A 299 10.01 21.04 20.85
CA ASP A 299 9.80 22.48 20.92
C ASP A 299 11.13 23.22 20.91
N ILE A 300 11.21 24.29 20.12
CA ILE A 300 12.39 25.15 20.09
C ILE A 300 12.20 26.24 21.13
N ASN A 301 12.91 26.12 22.25
CA ASN A 301 12.76 27.02 23.39
C ASN A 301 13.89 28.03 23.43
N LEU A 302 13.54 29.30 23.57
CA LEU A 302 14.53 30.38 23.61
C LEU A 302 14.48 31.16 24.92
N SER B 10 -27.10 16.91 -11.41
CA SER B 10 -26.28 16.32 -10.36
C SER B 10 -26.66 16.87 -8.98
N ASP B 11 -26.75 15.98 -8.01
CA ASP B 11 -27.14 16.36 -6.65
C ASP B 11 -26.72 15.28 -5.66
N ARG B 12 -27.20 15.36 -4.42
CA ARG B 12 -26.93 14.35 -3.41
C ARG B 12 -27.82 13.13 -3.54
N VAL B 13 -28.82 13.16 -4.43
CA VAL B 13 -29.72 12.04 -4.65
C VAL B 13 -29.11 11.11 -5.69
N LEU B 14 -29.50 9.84 -5.66
CA LEU B 14 -28.95 8.87 -6.58
C LEU B 14 -29.90 7.70 -6.71
N GLN B 15 -29.97 7.11 -7.91
CA GLN B 15 -30.74 5.91 -8.15
C GLN B 15 -29.87 4.92 -8.92
N LEU B 16 -29.73 3.71 -8.36
CA LEU B 16 -29.00 2.62 -9.00
C LEU B 16 -30.01 1.55 -9.38
N LYS B 17 -30.26 1.40 -10.69
CA LYS B 17 -31.26 0.45 -11.18
C LYS B 17 -30.55 -0.60 -12.03
N LEU B 18 -30.46 -1.82 -11.50
CA LEU B 18 -29.83 -2.94 -12.18
C LEU B 18 -30.79 -4.12 -12.15
N GLY B 19 -31.15 -4.64 -13.33
CA GLY B 19 -32.07 -5.75 -13.39
C GLY B 19 -33.40 -5.40 -12.75
N ASN B 20 -33.89 -6.31 -11.90
CA ASN B 20 -35.13 -6.05 -11.20
C ASN B 20 -34.92 -5.19 -9.96
N SER B 21 -33.67 -4.97 -9.58
CA SER B 21 -33.36 -4.23 -8.37
C SER B 21 -33.19 -2.74 -8.65
N SER B 22 -33.64 -1.92 -7.70
CA SER B 22 -33.52 -0.47 -7.81
C SER B 22 -33.36 0.10 -6.42
N ILE B 23 -32.21 0.72 -6.15
CA ILE B 23 -31.92 1.35 -4.88
C ILE B 23 -31.92 2.86 -5.07
N VAL B 24 -32.73 3.55 -4.27
CA VAL B 24 -32.76 5.01 -4.26
C VAL B 24 -32.14 5.48 -2.97
N THR B 25 -31.23 6.44 -3.06
CA THR B 25 -30.59 7.01 -1.89
C THR B 25 -30.69 8.53 -1.97
N GLN B 26 -30.87 9.15 -0.81
CA GLN B 26 -31.19 10.57 -0.72
C GLN B 26 -30.08 11.40 -0.11
N GLU B 27 -29.48 10.96 0.99
CA GLU B 27 -28.33 11.62 1.59
C GLU B 27 -27.04 10.91 1.16
N ALA B 28 -26.77 10.95 -0.13
CA ALA B 28 -25.57 10.35 -0.69
C ALA B 28 -24.52 11.43 -0.96
N ALA B 29 -23.32 10.98 -1.33
CA ALA B 29 -22.23 11.90 -1.67
C ALA B 29 -21.93 11.88 -3.16
N ASN B 30 -21.55 10.73 -3.70
CA ASN B 30 -21.26 10.57 -5.12
C ASN B 30 -21.00 9.07 -5.33
N ILE B 31 -20.63 8.70 -6.55
CA ILE B 31 -20.30 7.31 -6.89
C ILE B 31 -18.79 7.22 -7.04
N CYS B 32 -18.17 6.32 -6.27
CA CYS B 32 -16.73 6.11 -6.35
C CYS B 32 -16.46 4.91 -7.25
N CYS B 33 -15.83 5.17 -8.39
CA CYS B 33 -15.40 4.12 -9.32
C CYS B 33 -13.96 3.77 -8.97
N ALA B 34 -13.72 2.50 -8.68
CA ALA B 34 -12.39 2.05 -8.28
C ALA B 34 -11.38 2.31 -9.40
N TYR B 35 -10.38 3.14 -9.08
CA TYR B 35 -9.31 3.49 -10.02
C TYR B 35 -9.86 4.12 -11.30
N GLY B 36 -11.00 4.79 -11.19
CA GLY B 36 -11.57 5.49 -12.34
C GLY B 36 -11.96 4.58 -13.48
N GLU B 37 -12.47 3.39 -13.18
CA GLU B 37 -12.86 2.44 -14.20
C GLU B 37 -14.24 1.86 -13.90
N TRP B 38 -14.92 1.43 -14.95
CA TRP B 38 -16.24 0.84 -14.97
C TRP B 38 -16.14 -0.60 -15.45
N PRO B 39 -16.72 -1.56 -14.73
CA PRO B 39 -16.59 -2.97 -15.13
C PRO B 39 -17.16 -3.20 -16.52
N THR B 40 -16.46 -4.05 -17.29
CA THR B 40 -16.83 -4.35 -18.66
C THR B 40 -16.63 -5.84 -18.91
N TYR B 41 -17.24 -6.32 -19.98
CA TYR B 41 -17.08 -7.72 -20.37
C TYR B 41 -15.68 -7.97 -20.91
N LEU B 42 -15.24 -9.21 -20.82
CA LEU B 42 -13.88 -9.56 -21.22
C LEU B 42 -13.74 -9.52 -22.74
N PRO B 43 -12.80 -8.75 -23.27
CA PRO B 43 -12.62 -8.67 -24.73
C PRO B 43 -11.90 -9.89 -25.27
N ASP B 44 -11.91 -10.01 -26.60
CA ASP B 44 -11.31 -11.16 -27.26
C ASP B 44 -9.79 -11.19 -27.11
N ASN B 45 -9.15 -10.03 -27.20
CA ASN B 45 -7.70 -9.99 -27.15
C ASN B 45 -7.15 -10.39 -25.79
N GLU B 46 -7.97 -10.28 -24.74
CA GLU B 46 -7.59 -10.65 -23.38
C GLU B 46 -8.19 -11.97 -22.92
N ALA B 47 -9.04 -12.59 -23.73
CA ALA B 47 -9.66 -13.85 -23.36
C ALA B 47 -8.66 -15.00 -23.41
N VAL B 48 -8.88 -15.99 -22.56
CA VAL B 48 -8.00 -17.15 -22.48
C VAL B 48 -8.79 -18.42 -22.77
N ALA B 49 -9.92 -18.59 -22.08
CA ALA B 49 -10.78 -19.74 -22.33
C ALA B 49 -11.41 -19.63 -23.70
N ILE B 50 -11.54 -20.76 -24.39
CA ILE B 50 -11.96 -20.75 -25.79
C ILE B 50 -13.45 -21.03 -25.98
N ASP B 51 -14.08 -21.77 -25.06
CA ASP B 51 -15.53 -21.96 -25.15
C ASP B 51 -16.25 -20.65 -24.81
N LYS B 52 -17.48 -20.53 -25.27
CA LYS B 52 -18.23 -19.30 -25.02
C LYS B 52 -18.56 -19.20 -23.53
N PRO B 53 -18.38 -18.05 -22.90
CA PRO B 53 -18.90 -17.87 -21.55
C PRO B 53 -20.39 -17.54 -21.59
N THR B 54 -21.07 -17.93 -20.53
CA THR B 54 -22.48 -17.56 -20.36
C THR B 54 -22.54 -16.17 -19.74
N GLN B 55 -23.47 -15.35 -20.21
CA GLN B 55 -23.64 -13.98 -19.74
C GLN B 55 -25.10 -13.75 -19.39
N PRO B 56 -25.55 -14.25 -18.23
CA PRO B 56 -26.92 -13.96 -17.78
C PRO B 56 -26.99 -12.57 -17.14
N GLU B 57 -27.58 -11.63 -17.87
CA GLU B 57 -27.54 -10.23 -17.45
C GLU B 57 -28.49 -9.95 -16.28
N THR B 58 -29.80 -10.13 -16.49
CA THR B 58 -30.75 -9.73 -15.48
C THR B 58 -30.76 -10.68 -14.29
N SER B 59 -30.50 -11.96 -14.52
CA SER B 59 -30.60 -12.94 -13.45
C SER B 59 -29.46 -12.82 -12.45
N THR B 60 -28.29 -12.37 -12.88
CA THR B 60 -27.15 -12.25 -11.97
C THR B 60 -26.74 -10.81 -11.65
N ASP B 61 -26.79 -9.90 -12.62
CA ASP B 61 -26.36 -8.51 -12.42
C ASP B 61 -27.48 -7.73 -11.73
N ARG B 62 -27.62 -7.98 -10.43
CA ARG B 62 -28.68 -7.35 -9.65
C ARG B 62 -28.19 -7.24 -8.21
N PHE B 63 -28.92 -6.46 -7.43
CA PHE B 63 -28.52 -6.19 -6.06
C PHE B 63 -28.95 -7.33 -5.14
N TYR B 64 -27.98 -7.90 -4.42
CA TYR B 64 -28.22 -8.87 -3.36
C TYR B 64 -27.97 -8.17 -2.03
N THR B 65 -28.97 -8.19 -1.15
CA THR B 65 -28.86 -7.54 0.15
C THR B 65 -28.42 -8.55 1.20
N LEU B 66 -27.29 -8.29 1.84
CA LEU B 66 -26.75 -9.18 2.85
C LEU B 66 -27.35 -8.88 4.22
N LYS B 67 -27.06 -9.76 5.17
CA LYS B 67 -27.65 -9.62 6.50
C LYS B 67 -26.94 -8.53 7.28
N SER B 68 -27.72 -7.73 8.01
CA SER B 68 -27.25 -6.49 8.60
C SER B 68 -26.50 -6.75 9.90
N LYS B 69 -25.63 -5.79 10.25
CA LYS B 69 -24.91 -5.77 11.51
C LYS B 69 -25.36 -4.54 12.30
N LYS B 70 -25.42 -4.67 13.62
CA LYS B 70 -25.71 -3.52 14.47
C LYS B 70 -24.43 -2.74 14.70
N TRP B 71 -24.51 -1.42 14.59
CA TRP B 71 -23.39 -0.55 14.92
C TRP B 71 -23.40 -0.28 16.42
N GLU B 72 -22.38 -0.77 17.12
CA GLU B 72 -22.23 -0.57 18.55
C GLU B 72 -21.20 0.53 18.83
N SER B 73 -21.19 0.99 20.08
CA SER B 73 -20.22 2.00 20.47
C SER B 73 -18.79 1.45 20.46
N ASN B 74 -18.64 0.15 20.70
CA ASN B 74 -17.33 -0.50 20.71
C ASN B 74 -17.12 -1.37 19.48
N SER B 75 -17.87 -1.13 18.41
CA SER B 75 -17.72 -1.93 17.19
C SER B 75 -16.35 -1.70 16.58
N THR B 76 -15.70 -2.79 16.18
CA THR B 76 -14.37 -2.67 15.58
C THR B 76 -14.45 -2.57 14.06
N GLY B 77 -15.42 -3.25 13.45
CA GLY B 77 -15.58 -3.24 12.01
C GLY B 77 -15.93 -4.61 11.48
N TRP B 78 -16.39 -4.62 10.23
CA TRP B 78 -16.80 -5.84 9.56
C TRP B 78 -16.18 -5.88 8.17
N TRP B 79 -16.06 -7.09 7.62
CA TRP B 79 -15.53 -7.26 6.29
C TRP B 79 -16.25 -8.41 5.59
N TRP B 80 -16.49 -8.22 4.29
CA TRP B 80 -17.07 -9.22 3.42
C TRP B 80 -16.14 -9.44 2.24
N LYS B 81 -15.84 -10.70 1.94
CA LYS B 81 -14.96 -11.03 0.83
C LYS B 81 -15.78 -11.41 -0.39
N LEU B 82 -15.45 -10.81 -1.52
CA LEU B 82 -16.16 -11.09 -2.76
C LEU B 82 -15.31 -11.98 -3.66
N PRO B 83 -15.92 -12.90 -4.43
CA PRO B 83 -17.36 -13.13 -4.51
C PRO B 83 -17.89 -14.13 -3.49
N ASP B 84 -17.16 -14.33 -2.40
CA ASP B 84 -17.59 -15.31 -1.39
C ASP B 84 -18.93 -14.94 -0.79
N ALA B 85 -19.17 -13.65 -0.57
CA ALA B 85 -20.43 -13.23 0.04
C ALA B 85 -21.63 -13.60 -0.83
N LEU B 86 -21.45 -13.61 -2.15
CA LEU B 86 -22.53 -13.89 -3.07
C LEU B 86 -22.44 -15.30 -3.67
N ASN B 87 -21.47 -16.10 -3.24
CA ASN B 87 -21.30 -17.42 -3.81
C ASN B 87 -22.42 -18.39 -3.44
N GLN B 88 -23.28 -18.02 -2.49
CA GLN B 88 -24.31 -18.90 -1.97
C GLN B 88 -25.70 -18.37 -2.26
N ILE B 89 -25.81 -17.37 -3.13
CA ILE B 89 -27.04 -16.61 -3.30
C ILE B 89 -27.42 -16.53 -4.77
N GLY B 90 -28.62 -17.00 -5.10
CA GLY B 90 -29.30 -16.72 -6.34
C GLY B 90 -28.58 -17.28 -7.57
N MET B 91 -28.89 -16.68 -8.71
CA MET B 91 -28.26 -17.09 -9.95
C MET B 91 -26.76 -16.88 -9.98
N PHE B 92 -26.26 -15.86 -9.30
CA PHE B 92 -24.81 -15.69 -9.23
C PHE B 92 -24.17 -16.88 -8.53
N GLY B 93 -24.71 -17.27 -7.40
CA GLY B 93 -24.18 -18.42 -6.69
C GLY B 93 -24.33 -19.71 -7.48
N GLN B 94 -25.47 -19.89 -8.13
CA GLN B 94 -25.69 -21.10 -8.91
C GLN B 94 -24.72 -21.19 -10.09
N ASN B 95 -24.49 -20.07 -10.77
CA ASN B 95 -23.57 -20.06 -11.90
C ASN B 95 -22.13 -20.25 -11.43
N VAL B 96 -21.80 -19.74 -10.23
CA VAL B 96 -20.49 -20.01 -9.65
C VAL B 96 -20.34 -21.50 -9.37
N GLN B 97 -21.39 -22.14 -8.84
CA GLN B 97 -21.28 -23.55 -8.49
C GLN B 97 -21.19 -24.43 -9.73
N TYR B 98 -21.94 -24.11 -10.78
CA TYR B 98 -21.92 -24.93 -12.00
C TYR B 98 -20.75 -24.63 -12.93
N HIS B 99 -19.99 -23.57 -12.69
CA HIS B 99 -18.93 -23.16 -13.60
C HIS B 99 -17.59 -23.12 -12.86
N TYR B 100 -16.51 -23.32 -13.61
CA TYR B 100 -15.18 -23.27 -13.02
C TYR B 100 -14.68 -21.84 -12.97
N LEU B 101 -14.66 -21.15 -14.10
CA LEU B 101 -14.12 -19.81 -14.22
C LEU B 101 -15.24 -18.78 -14.16
N TYR B 102 -14.92 -17.60 -13.63
CA TYR B 102 -15.89 -16.52 -13.46
C TYR B 102 -15.17 -15.19 -13.66
N ARG B 103 -15.94 -14.16 -13.95
CA ARG B 103 -15.40 -12.80 -13.99
C ARG B 103 -16.53 -11.79 -13.84
N SER B 104 -16.44 -10.93 -12.84
CA SER B 104 -17.45 -9.91 -12.66
C SER B 104 -16.91 -8.78 -11.79
N GLY B 105 -17.37 -7.57 -12.08
CA GLY B 105 -17.19 -6.46 -11.18
C GLY B 105 -18.29 -6.43 -10.13
N PHE B 106 -18.14 -5.54 -9.16
CA PHE B 106 -19.10 -5.47 -8.06
C PHE B 106 -19.42 -4.02 -7.73
N LEU B 107 -20.71 -3.72 -7.60
CA LEU B 107 -21.14 -2.40 -7.13
C LEU B 107 -21.64 -2.60 -5.70
N CYS B 108 -20.94 -2.00 -4.75
CA CYS B 108 -21.27 -2.15 -3.33
C CYS B 108 -21.94 -0.89 -2.81
N HIS B 109 -23.04 -1.08 -2.08
CA HIS B 109 -23.80 0.03 -1.50
C HIS B 109 -24.00 -0.28 -0.02
N VAL B 110 -23.58 0.66 0.83
CA VAL B 110 -23.66 0.50 2.27
C VAL B 110 -24.70 1.46 2.81
N GLN B 111 -25.65 0.94 3.58
CA GLN B 111 -26.72 1.71 4.18
C GLN B 111 -26.46 1.86 5.67
N CYS B 112 -26.64 3.08 6.18
CA CYS B 112 -26.55 3.33 7.62
C CYS B 112 -27.38 4.56 7.93
N ASN B 113 -28.52 4.37 8.60
CA ASN B 113 -29.45 5.45 8.89
C ASN B 113 -29.35 5.86 10.34
N ALA B 114 -29.24 7.16 10.58
CA ALA B 114 -29.20 7.71 11.93
C ALA B 114 -29.82 9.09 11.91
N THR B 115 -30.26 9.54 13.09
CA THR B 115 -30.89 10.84 13.20
C THR B 115 -29.86 11.96 13.10
N LYS B 116 -30.35 13.19 12.97
CA LYS B 116 -29.47 14.34 12.91
C LYS B 116 -28.82 14.66 14.24
N PHE B 117 -29.31 14.06 15.33
CA PHE B 117 -28.67 14.21 16.64
C PHE B 117 -27.58 13.19 16.89
N HIS B 118 -27.42 12.21 16.00
CA HIS B 118 -26.40 11.19 16.17
C HIS B 118 -25.12 11.58 15.47
N GLN B 119 -24.00 11.10 16.02
CA GLN B 119 -22.68 11.33 15.44
C GLN B 119 -21.99 10.00 15.24
N GLY B 120 -21.12 9.95 14.24
CA GLY B 120 -20.41 8.73 13.92
C GLY B 120 -19.91 8.73 12.50
N THR B 121 -18.81 8.04 12.24
CA THR B 121 -18.22 8.02 10.91
C THR B 121 -17.76 6.62 10.59
N LEU B 122 -18.16 6.11 9.42
CA LEU B 122 -17.75 4.81 8.93
C LEU B 122 -16.88 4.99 7.70
N LEU B 123 -15.74 4.29 7.66
CA LEU B 123 -14.92 4.22 6.48
C LEU B 123 -15.22 2.91 5.76
N ILE B 124 -15.69 2.99 4.53
CA ILE B 124 -16.01 1.82 3.71
C ILE B 124 -14.92 1.72 2.65
N VAL B 125 -14.02 0.76 2.82
CA VAL B 125 -12.84 0.63 1.98
C VAL B 125 -12.88 -0.70 1.26
N ALA B 126 -12.64 -0.67 -0.04
CA ALA B 126 -12.54 -1.89 -0.85
C ALA B 126 -11.07 -2.19 -1.04
N ILE B 127 -10.57 -3.20 -0.34
CA ILE B 127 -9.17 -3.59 -0.39
C ILE B 127 -9.03 -4.72 -1.41
N PRO B 128 -8.22 -4.56 -2.45
CA PRO B 128 -8.02 -5.66 -3.40
C PRO B 128 -6.97 -6.63 -2.91
N GLU B 129 -7.20 -7.91 -3.19
CA GLU B 129 -6.23 -8.97 -2.90
C GLU B 129 -5.87 -8.99 -1.42
N HIS B 130 -6.87 -8.76 -0.56
CA HIS B 130 -6.63 -8.54 0.85
C HIS B 130 -6.30 -9.83 1.59
N GLN B 131 -5.01 -10.07 1.80
CA GLN B 131 -4.55 -11.23 2.58
C GLN B 131 -4.67 -10.90 4.06
N ILE B 132 -5.49 -11.66 4.78
CA ILE B 132 -5.64 -11.47 6.21
C ILE B 132 -4.44 -12.07 6.92
N GLY B 133 -3.78 -11.27 7.76
CA GLY B 133 -2.70 -11.76 8.60
C GLY B 133 -3.12 -11.73 10.05
N LYS B 134 -3.12 -12.90 10.69
CA LYS B 134 -3.49 -13.02 12.09
C LYS B 134 -2.30 -12.65 12.97
N LYS B 135 -2.58 -12.29 14.20
CA LYS B 135 -1.59 -11.69 15.08
C LYS B 135 -1.25 -12.60 16.24
N GLY B 136 0.03 -12.62 16.62
CA GLY B 136 0.49 -13.43 17.73
C GLY B 136 0.54 -14.91 17.43
N THR B 137 0.67 -15.28 16.15
CA THR B 137 0.74 -16.67 15.75
C THR B 137 1.43 -16.75 14.39
N GLY B 138 2.15 -17.85 14.18
CA GLY B 138 2.81 -18.07 12.91
C GLY B 138 1.95 -18.88 11.95
N THR B 139 0.91 -19.51 12.49
CA THR B 139 0.01 -20.30 11.67
C THR B 139 -0.85 -19.40 10.79
N SER B 140 -1.00 -19.78 9.53
CA SER B 140 -1.84 -19.02 8.62
C SER B 140 -3.32 -19.21 8.98
N ALA B 141 -4.14 -18.27 8.53
CA ALA B 141 -5.57 -18.32 8.83
C ALA B 141 -6.21 -19.55 8.20
N SER B 142 -7.16 -20.15 8.90
CA SER B 142 -7.78 -21.36 8.43
C SER B 142 -8.85 -21.05 7.37
N PHE B 143 -9.35 -22.12 6.74
CA PHE B 143 -10.41 -21.96 5.75
C PHE B 143 -11.69 -21.40 6.39
N ALA B 144 -12.00 -21.85 7.61
CA ALA B 144 -13.21 -21.38 8.28
C ALA B 144 -13.12 -19.89 8.58
N GLU B 145 -11.95 -19.42 9.01
CA GLU B 145 -11.81 -18.02 9.39
C GLU B 145 -11.82 -17.10 8.18
N VAL B 146 -11.29 -17.54 7.05
CA VAL B 146 -11.17 -16.68 5.87
C VAL B 146 -12.45 -16.68 5.05
N MET B 147 -12.92 -17.86 4.66
CA MET B 147 -14.09 -18.01 3.81
C MET B 147 -15.32 -18.01 4.72
N LYS B 148 -15.97 -16.85 4.82
CA LYS B 148 -17.07 -16.66 5.74
C LYS B 148 -18.42 -16.47 5.05
N GLY B 149 -18.44 -16.33 3.74
CA GLY B 149 -19.71 -16.20 3.04
C GLY B 149 -20.37 -14.86 3.29
N ALA B 150 -21.69 -14.81 3.12
CA ALA B 150 -22.42 -13.56 3.29
C ALA B 150 -22.53 -13.16 4.76
N GLU B 151 -22.27 -14.09 5.68
CA GLU B 151 -22.41 -13.78 7.10
C GLU B 151 -21.30 -12.84 7.57
N GLY B 152 -20.22 -12.72 6.79
CA GLY B 152 -19.21 -11.72 7.01
C GLY B 152 -18.19 -12.08 8.07
N GLY B 153 -17.28 -11.13 8.30
CA GLY B 153 -16.23 -11.26 9.27
C GLY B 153 -16.15 -10.05 10.19
N VAL B 154 -15.38 -10.19 11.24
CA VAL B 154 -15.21 -9.15 12.26
C VAL B 154 -13.73 -8.85 12.43
N PHE B 155 -13.39 -7.56 12.45
CA PHE B 155 -12.00 -7.13 12.54
C PHE B 155 -11.49 -7.32 13.96
N GLU B 156 -10.41 -8.08 14.11
CA GLU B 156 -9.67 -8.10 15.37
C GLU B 156 -8.96 -6.78 15.62
N GLN B 157 -8.22 -6.29 14.62
CA GLN B 157 -7.45 -5.06 14.73
C GLN B 157 -7.74 -4.17 13.53
N PRO B 158 -8.86 -3.42 13.56
CA PRO B 158 -9.11 -2.46 12.47
C PRO B 158 -8.02 -1.41 12.37
N TYR B 159 -7.30 -1.16 13.46
CA TYR B 159 -6.17 -0.24 13.44
C TYR B 159 -5.08 -0.72 12.49
N LEU B 160 -4.95 -2.04 12.34
CA LEU B 160 -3.94 -2.64 11.46
C LEU B 160 -4.55 -3.29 10.23
N LEU B 161 -5.87 -3.21 10.06
CA LEU B 161 -6.58 -3.81 8.92
C LEU B 161 -6.43 -5.33 8.89
N ASP B 162 -6.02 -5.93 10.01
CA ASP B 162 -5.77 -7.37 10.08
C ASP B 162 -4.74 -7.82 9.05
N ASP B 163 -3.85 -6.90 8.68
CA ASP B 163 -2.84 -7.19 7.68
C ASP B 163 -1.42 -6.88 8.13
N GLY B 164 -1.24 -6.23 9.28
CA GLY B 164 0.05 -5.67 9.62
C GLY B 164 0.30 -4.33 9.02
N THR B 165 -0.66 -3.81 8.24
CA THR B 165 -0.59 -2.49 7.65
C THR B 165 -1.21 -1.48 8.60
N SER B 166 -1.51 -0.28 8.12
CA SER B 166 -2.11 0.76 8.94
C SER B 166 -3.46 1.18 8.36
N LEU B 167 -4.44 1.36 9.24
CA LEU B 167 -5.72 1.90 8.82
C LEU B 167 -5.57 3.33 8.33
N ALA B 168 -4.56 4.04 8.83
CA ALA B 168 -4.32 5.42 8.41
C ALA B 168 -4.01 5.49 6.92
N CYS B 169 -3.24 4.53 6.42
CA CYS B 169 -2.83 4.49 5.03
C CYS B 169 -3.80 3.70 4.15
N ALA B 170 -5.01 3.42 4.66
CA ALA B 170 -5.97 2.62 3.90
C ALA B 170 -6.70 3.41 2.83
N LEU B 171 -6.31 4.66 2.59
CA LEU B 171 -7.00 5.49 1.61
C LEU B 171 -6.45 5.34 0.19
N VAL B 172 -5.39 4.56 0.00
CA VAL B 172 -5.01 4.19 -1.37
C VAL B 172 -6.10 3.38 -2.03
N TYR B 173 -6.77 2.52 -1.26
CA TYR B 173 -7.84 1.71 -1.79
C TYR B 173 -9.07 2.58 -2.04
N PRO B 174 -9.92 2.18 -2.99
CA PRO B 174 -11.19 2.89 -3.21
C PRO B 174 -12.00 2.91 -1.93
N HIS B 175 -12.64 4.04 -1.65
CA HIS B 175 -13.24 4.20 -0.35
C HIS B 175 -14.32 5.26 -0.36
N GLN B 176 -15.21 5.15 0.62
CA GLN B 176 -16.31 6.04 0.90
C GLN B 176 -16.30 6.36 2.40
N TRP B 177 -16.84 7.52 2.75
CA TRP B 177 -17.14 7.83 4.14
C TRP B 177 -18.65 7.98 4.30
N ILE B 178 -19.18 7.30 5.31
CA ILE B 178 -20.54 7.55 5.77
C ILE B 178 -20.40 8.39 7.03
N ASN B 179 -20.61 9.70 6.88
CA ASN B 179 -20.61 10.63 8.00
C ASN B 179 -22.06 10.99 8.26
N LEU B 180 -22.51 10.77 9.51
CA LEU B 180 -23.93 10.90 9.81
C LEU B 180 -24.44 12.32 9.65
N ARG B 181 -23.56 13.31 9.65
CA ARG B 181 -23.99 14.69 9.41
C ARG B 181 -24.53 14.86 8.00
N THR B 182 -23.91 14.22 7.02
CA THR B 182 -24.21 14.49 5.63
C THR B 182 -24.43 13.25 4.77
N ASN B 183 -24.13 12.05 5.30
CA ASN B 183 -24.32 10.82 4.53
C ASN B 183 -25.10 9.80 5.34
N ASN B 184 -25.83 8.95 4.62
CA ASN B 184 -26.37 7.70 5.15
C ASN B 184 -26.07 6.50 4.26
N SER B 185 -25.57 6.71 3.05
CA SER B 185 -25.30 5.62 2.13
C SER B 185 -23.97 5.86 1.42
N ALA B 186 -23.31 4.77 1.05
CA ALA B 186 -22.04 4.81 0.34
C ALA B 186 -22.11 3.89 -0.87
N THR B 187 -21.43 4.27 -1.95
CA THR B 187 -21.46 3.51 -3.18
C THR B 187 -20.06 3.44 -3.76
N ILE B 188 -19.57 2.22 -4.02
CA ILE B 188 -18.26 2.01 -4.61
C ILE B 188 -18.39 1.01 -5.75
N VAL B 189 -17.84 1.34 -6.92
CA VAL B 189 -17.88 0.46 -8.08
C VAL B 189 -16.49 -0.13 -8.28
N LEU B 190 -16.42 -1.46 -8.42
CA LEU B 190 -15.16 -2.18 -8.49
C LEU B 190 -15.09 -2.97 -9.78
N PRO B 191 -14.06 -2.79 -10.60
CA PRO B 191 -13.89 -3.64 -11.78
C PRO B 191 -13.17 -4.93 -11.41
N TRP B 192 -12.86 -5.71 -12.45
CA TRP B 192 -12.14 -6.95 -12.26
C TRP B 192 -10.74 -6.69 -11.69
N MET B 193 -10.37 -7.46 -10.66
CA MET B 193 -9.10 -7.32 -9.96
C MET B 193 -8.40 -8.67 -9.91
N ASN B 194 -7.61 -8.96 -10.93
CA ASN B 194 -6.85 -10.20 -10.94
C ASN B 194 -5.75 -10.06 -11.98
N SER B 195 -4.66 -10.80 -11.75
CA SER B 195 -3.60 -10.87 -12.75
C SER B 195 -3.98 -11.78 -13.90
N ALA B 196 -5.08 -12.52 -13.76
CA ALA B 196 -5.62 -13.41 -14.75
C ALA B 196 -7.01 -12.96 -15.18
N PRO B 197 -7.42 -13.28 -16.41
CA PRO B 197 -8.78 -12.90 -16.85
C PRO B 197 -9.88 -13.50 -16.01
N MET B 198 -9.71 -14.73 -15.51
CA MET B 198 -10.71 -15.39 -14.68
C MET B 198 -10.00 -16.16 -13.58
N ASP B 199 -10.79 -16.74 -12.67
CA ASP B 199 -10.24 -17.43 -11.51
C ASP B 199 -11.24 -18.46 -11.02
N PHE B 200 -10.96 -19.02 -9.84
CA PHE B 200 -11.82 -20.01 -9.19
C PHE B 200 -12.42 -19.36 -7.94
N ALA B 201 -13.74 -19.37 -7.85
CA ALA B 201 -14.42 -18.57 -6.82
C ALA B 201 -14.33 -19.23 -5.45
N LEU B 202 -14.37 -20.56 -5.40
CA LEU B 202 -14.39 -21.25 -4.12
C LEU B 202 -13.03 -21.20 -3.42
N ARG B 203 -11.98 -20.72 -4.10
CA ARG B 203 -10.64 -20.74 -3.53
C ARG B 203 -9.93 -19.40 -3.55
N HIS B 204 -10.54 -18.34 -4.06
CA HIS B 204 -9.87 -17.05 -4.14
C HIS B 204 -10.88 -15.92 -4.17
N ASN B 205 -10.53 -14.83 -3.49
CA ASN B 205 -11.37 -13.63 -3.41
C ASN B 205 -10.57 -12.44 -3.91
N ASN B 206 -11.17 -11.66 -4.81
CA ASN B 206 -10.47 -10.51 -5.39
C ASN B 206 -10.59 -9.28 -4.49
N TRP B 207 -11.78 -9.02 -3.97
CA TRP B 207 -12.10 -7.82 -3.23
C TRP B 207 -12.49 -8.14 -1.80
N THR B 208 -12.20 -7.20 -0.90
CA THR B 208 -12.68 -7.26 0.48
C THR B 208 -13.28 -5.90 0.81
N LEU B 209 -14.59 -5.87 1.04
CA LEU B 209 -15.28 -4.66 1.47
C LEU B 209 -15.26 -4.60 2.99
N ALA B 210 -14.62 -3.57 3.54
CA ALA B 210 -14.46 -3.43 4.99
C ALA B 210 -15.12 -2.13 5.44
N VAL B 211 -16.00 -2.25 6.42
CA VAL B 211 -16.64 -1.10 7.06
C VAL B 211 -16.04 -0.99 8.45
N ILE B 212 -15.30 0.09 8.68
CA ILE B 212 -14.60 0.31 9.96
C ILE B 212 -15.16 1.59 10.58
N PRO B 213 -15.69 1.54 11.79
CA PRO B 213 -16.11 2.78 12.46
C PRO B 213 -14.92 3.59 12.94
N VAL B 214 -14.61 4.68 12.23
CA VAL B 214 -13.52 5.55 12.65
C VAL B 214 -13.91 6.33 13.90
N CYS B 215 -15.11 6.88 13.91
CA CYS B 215 -15.65 7.59 15.06
C CYS B 215 -16.86 6.83 15.61
N PRO B 216 -16.88 6.53 16.90
CA PRO B 216 -17.96 5.70 17.44
C PRO B 216 -19.31 6.39 17.36
N LEU B 217 -20.35 5.57 17.23
CA LEU B 217 -21.73 6.06 17.24
C LEU B 217 -22.08 6.59 18.62
N ALA B 218 -22.71 7.76 18.68
CA ALA B 218 -23.01 8.38 19.97
C ALA B 218 -24.23 9.27 19.84
N GLY B 219 -24.85 9.55 21.00
CA GLY B 219 -25.99 10.44 21.08
C GLY B 219 -26.04 11.10 22.44
N GLY B 220 -26.81 12.18 22.53
CA GLY B 220 -26.84 12.94 23.76
C GLY B 220 -28.10 12.82 24.61
N THR B 221 -28.01 12.04 25.69
CA THR B 221 -28.94 12.07 26.82
C THR B 221 -30.31 11.52 26.47
N GLY B 222 -30.58 11.30 25.18
CA GLY B 222 -31.82 10.68 24.77
C GLY B 222 -31.67 9.78 23.57
N ASN B 223 -30.43 9.66 23.07
CA ASN B 223 -30.14 8.92 21.85
C ASN B 223 -29.05 7.88 22.06
N THR B 224 -28.64 7.65 23.30
CA THR B 224 -27.70 6.59 23.62
C THR B 224 -28.40 5.24 23.44
N ASN B 225 -27.59 4.22 23.14
CA ASN B 225 -28.09 2.87 22.92
C ASN B 225 -29.16 2.81 21.83
N THR B 226 -28.94 3.55 20.74
CA THR B 226 -29.86 3.52 19.61
C THR B 226 -29.45 2.38 18.70
N TYR B 227 -30.40 1.49 18.41
CA TYR B 227 -30.11 0.30 17.61
C TYR B 227 -30.08 0.77 16.16
N VAL B 228 -28.88 0.85 15.59
CA VAL B 228 -28.65 1.38 14.26
C VAL B 228 -27.99 0.27 13.46
N PRO B 229 -28.69 -0.32 12.49
CA PRO B 229 -28.09 -1.36 11.66
C PRO B 229 -27.32 -0.80 10.49
N ILE B 230 -26.41 -1.62 9.97
CA ILE B 230 -25.63 -1.31 8.77
C ILE B 230 -25.92 -2.41 7.76
N THR B 231 -26.34 -2.03 6.56
CA THR B 231 -26.77 -2.96 5.53
C THR B 231 -25.81 -2.93 4.35
N ILE B 232 -25.56 -4.09 3.76
CA ILE B 232 -24.66 -4.22 2.61
C ILE B 232 -25.48 -4.77 1.45
N SER B 233 -25.39 -4.11 0.30
CA SER B 233 -26.03 -4.57 -0.94
C SER B 233 -24.98 -4.62 -2.04
N ILE B 234 -24.74 -5.80 -2.57
CA ILE B 234 -23.70 -6.00 -3.58
C ILE B 234 -24.36 -6.44 -4.88
N ALA B 235 -23.99 -5.79 -5.98
CA ALA B 235 -24.52 -6.12 -7.29
C ALA B 235 -23.41 -6.57 -8.21
N PRO B 236 -23.38 -7.83 -8.64
CA PRO B 236 -22.43 -8.23 -9.69
C PRO B 236 -22.73 -7.47 -10.98
N MET B 237 -21.68 -7.21 -11.75
CA MET B 237 -21.81 -6.54 -13.03
C MET B 237 -20.90 -7.21 -14.05
N CYS B 238 -21.42 -7.39 -15.26
CA CYS B 238 -20.69 -7.99 -16.37
C CYS B 238 -20.15 -9.37 -16.00
N ALA B 239 -21.02 -10.19 -15.44
CA ALA B 239 -20.61 -11.50 -14.97
C ALA B 239 -20.53 -12.48 -16.13
N GLU B 240 -19.39 -13.15 -16.26
CA GLU B 240 -19.18 -14.21 -17.23
C GLU B 240 -18.78 -15.46 -16.48
N TYR B 241 -19.16 -16.61 -17.03
CA TYR B 241 -18.81 -17.89 -16.45
C TYR B 241 -18.37 -18.84 -17.55
N ASN B 242 -17.31 -19.60 -17.28
CA ASN B 242 -16.76 -20.56 -18.21
C ASN B 242 -16.54 -21.90 -17.51
N GLY B 243 -16.47 -22.96 -18.30
CA GLY B 243 -16.22 -24.28 -17.76
C GLY B 243 -17.42 -24.90 -17.09
N LEU B 244 -18.48 -25.14 -17.86
CA LEU B 244 -19.69 -25.73 -17.31
C LEU B 244 -19.43 -27.16 -16.87
N ARG B 245 -19.95 -27.53 -15.70
CA ARG B 245 -19.79 -28.86 -15.14
C ARG B 245 -20.88 -29.06 -14.07
N ASN B 246 -20.73 -30.12 -13.28
CA ASN B 246 -21.67 -30.36 -12.21
C ASN B 246 -21.37 -29.45 -11.02
N ALA B 247 -22.35 -29.35 -10.12
CA ALA B 247 -22.21 -28.50 -8.94
C ALA B 247 -21.24 -29.12 -7.94
N ILE B 248 -20.50 -28.27 -7.24
CA ILE B 248 -19.57 -28.72 -6.21
C ILE B 248 -19.79 -27.93 -4.93
N GLY C 1 44.07 -7.34 -31.78
CA GLY C 1 42.76 -6.95 -31.28
C GLY C 1 42.62 -5.46 -31.06
N VAL C 2 41.42 -5.05 -30.67
CA VAL C 2 41.14 -3.64 -30.37
C VAL C 2 41.97 -3.19 -29.18
N PRO C 3 42.69 -2.07 -29.27
CA PRO C 3 43.39 -1.56 -28.09
C PRO C 3 42.41 -1.25 -26.97
N THR C 4 42.81 -1.61 -25.75
CA THR C 4 41.91 -1.59 -24.61
C THR C 4 42.67 -1.37 -23.32
N CYS C 5 42.10 -0.56 -22.43
CA CYS C 5 42.65 -0.34 -21.09
C CYS C 5 41.49 -0.39 -20.11
N LEU C 6 41.65 -1.17 -19.04
CA LEU C 6 40.61 -1.28 -18.02
C LEU C 6 40.70 -0.09 -17.07
N LEU C 7 39.70 0.76 -17.08
CA LEU C 7 39.66 1.94 -16.22
C LEU C 7 39.30 1.53 -14.79
N PRO C 8 39.61 2.39 -13.82
CA PRO C 8 39.11 2.16 -12.46
C PRO C 8 37.59 2.10 -12.47
N GLY C 9 37.03 1.21 -11.66
CA GLY C 9 35.64 0.89 -11.71
C GLY C 9 35.32 -0.37 -12.49
N SER C 10 36.32 -1.01 -13.08
CA SER C 10 36.13 -2.29 -13.72
C SER C 10 36.05 -3.40 -12.68
N ASN C 11 35.36 -4.48 -13.02
CA ASN C 11 35.15 -5.64 -12.16
C ASN C 11 34.42 -5.30 -10.88
N GLN C 12 33.68 -4.20 -10.85
CA GLN C 12 32.94 -3.78 -9.67
C GLN C 12 31.45 -4.03 -9.86
N PHE C 13 30.76 -4.27 -8.75
CA PHE C 13 29.32 -4.48 -8.75
C PHE C 13 28.67 -3.29 -8.06
N LEU C 14 28.11 -2.37 -8.85
CA LEU C 14 27.38 -1.22 -8.33
C LEU C 14 25.89 -1.54 -8.37
N THR C 15 25.22 -1.41 -7.24
CA THR C 15 23.82 -1.78 -7.15
C THR C 15 22.90 -0.82 -7.89
N THR C 16 23.41 0.32 -8.36
CA THR C 16 22.59 1.29 -9.08
C THR C 16 22.99 1.41 -10.55
N ASP C 17 23.73 0.44 -11.08
CA ASP C 17 24.13 0.51 -12.47
C ASP C 17 22.95 0.21 -13.39
N ASP C 18 23.10 0.61 -14.66
CA ASP C 18 22.07 0.43 -15.67
C ASP C 18 22.74 -0.13 -16.92
N HIS C 19 22.81 -1.47 -17.01
CA HIS C 19 23.43 -2.15 -18.12
C HIS C 19 22.59 -3.36 -18.51
N SER C 20 22.68 -3.72 -19.80
CA SER C 20 22.05 -4.94 -20.27
C SER C 20 22.80 -6.16 -19.76
N SER C 21 22.11 -7.28 -19.64
CA SER C 21 22.68 -8.50 -19.10
C SER C 21 22.30 -9.68 -19.99
N ALA C 22 23.04 -10.77 -19.84
CA ALA C 22 22.80 -11.96 -20.63
C ALA C 22 21.45 -12.57 -20.26
N PRO C 23 20.56 -12.82 -21.22
CA PRO C 23 19.27 -13.43 -20.92
C PRO C 23 19.44 -14.91 -20.59
N ALA C 24 18.90 -15.33 -19.44
CA ALA C 24 19.05 -16.72 -19.02
C ALA C 24 18.14 -17.64 -19.82
N PHE C 25 16.97 -17.16 -20.22
CA PHE C 25 16.06 -17.98 -21.01
C PHE C 25 15.99 -17.42 -22.43
N PRO C 26 16.70 -18.01 -23.38
CA PRO C 26 16.71 -17.46 -24.74
C PRO C 26 15.37 -17.64 -25.42
N ASP C 27 14.95 -16.61 -26.16
CA ASP C 27 13.74 -16.61 -26.96
C ASP C 27 12.50 -16.92 -26.12
N PHE C 28 12.52 -16.53 -24.85
CA PHE C 28 11.38 -16.76 -23.97
C PHE C 28 10.23 -15.83 -24.37
N SER C 29 9.01 -16.35 -24.31
CA SER C 29 7.83 -15.56 -24.66
C SER C 29 7.05 -15.20 -23.39
N PRO C 30 7.11 -13.96 -22.94
CA PRO C 30 6.37 -13.58 -21.74
C PRO C 30 4.88 -13.54 -21.98
N THR C 31 4.12 -13.62 -20.89
CA THR C 31 2.68 -13.52 -20.98
C THR C 31 2.29 -12.14 -21.51
N PRO C 32 1.36 -12.06 -22.45
CA PRO C 32 0.94 -10.74 -22.96
C PRO C 32 0.33 -9.92 -21.84
N GLU C 33 0.57 -8.61 -21.88
CA GLU C 33 0.04 -7.72 -20.86
C GLU C 33 -1.48 -7.68 -20.92
N MET C 34 -2.12 -7.69 -19.76
CA MET C 34 -3.55 -7.53 -19.64
C MET C 34 -3.82 -6.26 -18.86
N HIS C 35 -4.82 -5.48 -19.30
CA HIS C 35 -5.13 -4.23 -18.64
C HIS C 35 -5.62 -4.49 -17.22
N ILE C 36 -4.94 -3.89 -16.25
CA ILE C 36 -5.28 -4.00 -14.84
C ILE C 36 -5.55 -2.59 -14.32
N PRO C 37 -6.68 -2.33 -13.66
CA PRO C 37 -6.95 -0.98 -13.17
C PRO C 37 -5.97 -0.57 -12.08
N GLY C 38 -5.72 0.74 -12.02
CA GLY C 38 -4.87 1.29 -10.98
C GLY C 38 -3.39 1.16 -11.24
N GLN C 39 -2.94 1.45 -12.46
CA GLN C 39 -1.51 1.37 -12.76
C GLN C 39 -0.81 2.62 -12.24
N VAL C 40 0.33 2.41 -11.59
CA VAL C 40 1.11 3.49 -10.99
C VAL C 40 2.36 3.70 -11.84
N HIS C 41 2.61 4.95 -12.21
CA HIS C 41 3.79 5.30 -12.99
C HIS C 41 4.84 6.04 -12.18
N SER C 42 4.43 6.77 -11.14
CA SER C 42 5.36 7.54 -10.32
C SER C 42 4.97 7.41 -8.86
N MET C 43 5.97 7.53 -7.99
CA MET C 43 5.70 7.56 -6.55
C MET C 43 4.96 8.81 -6.13
N LEU C 44 5.03 9.87 -6.94
CA LEU C 44 4.38 11.13 -6.61
C LEU C 44 2.86 11.05 -6.73
N GLU C 45 2.34 10.04 -7.41
CA GLU C 45 0.89 9.88 -7.51
C GLU C 45 0.28 9.40 -6.19
N ILE C 46 1.07 8.73 -5.36
CA ILE C 46 0.52 8.14 -4.14
C ILE C 46 0.66 9.10 -2.96
N VAL C 47 1.68 9.96 -2.98
CA VAL C 47 1.80 10.96 -1.92
C VAL C 47 0.72 12.02 -2.03
N GLN C 48 0.03 12.11 -3.17
CA GLN C 48 -1.05 13.06 -3.35
C GLN C 48 -2.39 12.55 -2.84
N ILE C 49 -2.47 11.30 -2.40
CA ILE C 49 -3.71 10.76 -1.87
C ILE C 49 -3.84 11.13 -0.40
N GLU C 50 -5.08 11.31 0.06
CA GLU C 50 -5.33 11.59 1.47
C GLU C 50 -4.83 10.44 2.33
N SER C 51 -4.45 10.76 3.56
CA SER C 51 -4.00 9.74 4.51
C SER C 51 -4.16 10.28 5.92
N MET C 52 -4.95 9.59 6.73
CA MET C 52 -5.15 10.00 8.11
C MET C 52 -3.85 9.90 8.89
N MET C 53 -3.75 10.70 9.94
CA MET C 53 -2.52 10.78 10.74
C MET C 53 -2.84 10.71 12.23
N GLU C 54 -1.87 10.25 13.01
CA GLU C 54 -2.06 9.98 14.43
C GLU C 54 -1.81 11.24 15.25
N ILE C 55 -2.83 12.10 15.29
CA ILE C 55 -2.74 13.30 16.11
C ILE C 55 -2.80 12.94 17.59
N ASN C 56 -3.67 12.01 17.95
CA ASN C 56 -3.82 11.57 19.34
C ASN C 56 -2.81 10.49 19.69
N ASN C 57 -1.53 10.80 19.50
CA ASN C 57 -0.46 9.84 19.76
C ASN C 57 0.08 10.04 21.18
N VAL C 58 -0.79 9.73 22.14
CA VAL C 58 -0.48 9.85 23.56
C VAL C 58 -0.56 8.46 24.18
N ASN C 59 0.05 8.32 25.37
CA ASN C 59 0.03 7.04 26.07
C ASN C 59 -1.26 6.86 26.87
N ASP C 60 -2.40 7.12 26.22
CA ASP C 60 -3.73 6.81 26.73
C ASP C 60 -4.65 6.26 25.67
N ALA C 61 -4.32 6.40 24.39
CA ALA C 61 -5.18 5.96 23.30
C ALA C 61 -4.66 4.67 22.68
N SER C 62 -5.56 3.72 22.47
CA SER C 62 -5.21 2.40 21.95
C SER C 62 -5.89 2.20 20.60
N GLY C 63 -5.11 2.18 19.54
CA GLY C 63 -5.65 1.94 18.22
C GLY C 63 -6.35 3.12 17.58
N VAL C 64 -7.62 2.93 17.20
CA VAL C 64 -8.31 3.89 16.35
C VAL C 64 -8.51 5.24 17.04
N GLU C 65 -8.52 5.27 18.38
CA GLU C 65 -8.61 6.53 19.12
C GLU C 65 -7.50 7.49 18.71
N ARG C 66 -6.36 6.95 18.28
CA ARG C 66 -5.22 7.76 17.83
C ARG C 66 -5.40 8.37 16.45
N LEU C 67 -6.40 7.97 15.67
CA LEU C 67 -6.63 8.60 14.39
C LEU C 67 -7.70 9.69 14.47
N ARG C 68 -8.24 9.92 15.66
CA ARG C 68 -9.35 10.83 15.92
C ARG C 68 -9.07 11.68 17.14
N VAL C 69 -9.56 12.92 17.14
CA VAL C 69 -9.14 13.95 18.08
C VAL C 69 -10.34 14.46 18.85
N GLN C 70 -10.20 14.53 20.19
CA GLN C 70 -11.18 15.13 21.10
C GLN C 70 -11.47 16.56 20.66
N ILE C 71 -12.74 16.95 20.65
CA ILE C 71 -13.16 18.34 20.49
C ILE C 71 -14.28 18.60 21.49
N SER C 72 -14.14 19.69 22.25
CA SER C 72 -14.96 19.91 23.44
C SER C 72 -15.72 21.21 23.32
N ALA C 73 -16.92 21.21 23.89
CA ALA C 73 -17.62 22.46 24.17
C ALA C 73 -16.92 23.16 25.33
N GLN C 74 -16.40 24.35 25.06
CA GLN C 74 -15.47 25.03 25.95
C GLN C 74 -16.19 25.95 26.93
N SER C 75 -15.68 26.01 28.15
CA SER C 75 -16.15 26.97 29.15
C SER C 75 -15.30 28.22 29.16
N ASP C 76 -14.32 28.29 28.25
CA ASP C 76 -13.44 29.44 28.11
C ASP C 76 -13.31 29.72 26.62
N MET C 77 -12.58 30.77 26.28
CA MET C 77 -12.40 31.17 24.89
C MET C 77 -10.92 31.26 24.58
N ASP C 78 -10.61 31.22 23.29
CA ASP C 78 -9.27 31.37 22.73
C ASP C 78 -8.32 30.26 23.16
N GLN C 79 -8.84 29.06 23.44
CA GLN C 79 -8.00 27.98 23.96
C GLN C 79 -7.47 27.11 22.84
N LEU C 80 -6.23 26.67 22.99
CA LEU C 80 -5.60 25.78 22.03
C LEU C 80 -6.19 24.39 22.12
N LEU C 81 -6.49 23.79 20.97
CA LEU C 81 -7.05 22.45 20.91
C LEU C 81 -5.99 21.38 20.75
N PHE C 82 -5.19 21.43 19.69
CA PHE C 82 -4.14 20.43 19.50
C PHE C 82 -3.03 21.00 18.63
N ASN C 83 -1.88 20.34 18.72
CA ASN C 83 -0.69 20.70 17.96
C ASN C 83 -0.32 19.56 17.03
N ILE C 84 0.34 19.92 15.94
CA ILE C 84 0.85 18.96 14.96
C ILE C 84 2.29 19.33 14.63
N PRO C 85 3.28 18.53 15.04
CA PRO C 85 4.63 18.69 14.51
C PRO C 85 4.71 18.25 13.06
N LEU C 86 5.63 18.85 12.32
CA LEU C 86 5.84 18.54 10.91
C LEU C 86 7.18 17.85 10.68
N ASP C 87 7.59 16.99 11.60
CA ASP C 87 8.85 16.26 11.48
C ASP C 87 8.53 14.86 10.96
N ILE C 88 8.56 14.72 9.63
CA ILE C 88 8.26 13.43 9.01
C ILE C 88 9.32 12.40 9.39
N GLN C 89 10.59 12.83 9.44
CA GLN C 89 11.67 11.90 9.73
C GLN C 89 11.53 11.30 11.13
N LEU C 90 11.23 12.13 12.12
CA LEU C 90 11.15 11.66 13.49
C LEU C 90 9.75 11.15 13.81
N GLU C 91 9.61 10.56 14.99
CA GLU C 91 8.38 9.92 15.41
C GLU C 91 7.32 10.99 15.68
N GLY C 92 6.38 11.12 14.76
CA GLY C 92 5.31 12.08 14.88
C GLY C 92 4.06 11.63 14.15
N PRO C 93 3.02 12.46 14.20
CA PRO C 93 1.76 12.09 13.53
C PRO C 93 1.91 11.89 12.02
N LEU C 94 2.87 12.54 11.38
CA LEU C 94 2.95 12.51 9.93
C LEU C 94 3.77 11.35 9.39
N ARG C 95 4.31 10.48 10.24
CA ARG C 95 5.16 9.41 9.74
C ARG C 95 4.31 8.30 9.12
N ASN C 96 3.32 7.81 9.88
CA ASN C 96 2.43 6.76 9.39
C ASN C 96 1.36 7.37 8.49
N THR C 97 1.82 7.92 7.37
CA THR C 97 0.96 8.42 6.32
C THR C 97 1.56 7.99 4.98
N LEU C 98 0.71 7.95 3.96
CA LEU C 98 1.20 7.66 2.61
C LEU C 98 2.32 8.62 2.22
N LEU C 99 2.06 9.92 2.39
CA LEU C 99 3.08 10.94 2.19
C LEU C 99 4.32 10.64 3.04
N GLY C 100 4.10 10.44 4.34
CA GLY C 100 5.20 10.18 5.24
C GLY C 100 5.97 8.91 4.94
N ASN C 101 5.26 7.79 4.77
CA ASN C 101 5.92 6.51 4.52
C ASN C 101 6.71 6.54 3.21
N ILE C 102 6.12 7.12 2.17
CA ILE C 102 6.81 7.15 0.88
C ILE C 102 7.99 8.13 0.91
N SER C 103 7.80 9.31 1.52
CA SER C 103 8.88 10.29 1.55
C SER C 103 10.01 9.87 2.48
N ARG C 104 9.74 9.00 3.44
CA ARG C 104 10.80 8.49 4.30
C ARG C 104 11.71 7.50 3.59
N TYR C 105 11.33 7.04 2.41
CA TYR C 105 12.30 6.36 1.54
C TYR C 105 13.32 7.31 0.94
N TYR C 106 13.02 8.61 0.88
CA TYR C 106 13.88 9.62 0.30
C TYR C 106 14.51 10.47 1.39
N THR C 107 15.55 11.23 1.00
CA THR C 107 16.28 12.09 1.93
C THR C 107 15.92 13.56 1.80
N HIS C 108 15.72 14.06 0.58
CA HIS C 108 15.36 15.45 0.37
C HIS C 108 13.93 15.55 -0.14
N TRP C 109 13.22 16.56 0.34
CA TRP C 109 11.86 16.78 -0.10
C TRP C 109 11.64 18.27 -0.31
N SER C 110 10.68 18.59 -1.16
CA SER C 110 10.32 19.96 -1.45
C SER C 110 8.86 20.04 -1.84
N GLY C 111 8.29 21.23 -1.72
CA GLY C 111 6.92 21.46 -2.14
C GLY C 111 5.94 21.68 -1.01
N SER C 112 4.78 22.24 -1.34
CA SER C 112 3.76 22.53 -0.34
C SER C 112 2.94 21.30 -0.03
N LEU C 113 2.45 21.22 1.20
CA LEU C 113 1.60 20.13 1.65
C LEU C 113 0.18 20.64 1.87
N GLU C 114 -0.75 19.73 2.11
CA GLU C 114 -2.12 20.09 2.44
C GLU C 114 -2.62 19.20 3.57
N MET C 115 -3.43 19.79 4.46
CA MET C 115 -4.09 19.06 5.53
C MET C 115 -5.59 19.25 5.41
N THR C 116 -6.32 18.15 5.48
CA THR C 116 -7.78 18.18 5.51
C THR C 116 -8.27 17.67 6.86
N PHE C 117 -9.08 18.48 7.53
CA PHE C 117 -9.70 18.10 8.78
C PHE C 117 -11.19 17.90 8.55
N MET C 118 -11.70 16.74 8.94
CA MET C 118 -13.11 16.40 8.80
C MET C 118 -13.77 16.41 10.17
N PHE C 119 -14.90 17.11 10.27
CA PHE C 119 -15.67 17.15 11.51
C PHE C 119 -16.63 15.97 11.55
N CYS C 120 -16.65 15.26 12.68
CA CYS C 120 -17.48 14.06 12.82
C CYS C 120 -18.45 14.20 13.98
N GLY C 121 -19.10 15.35 14.10
CA GLY C 121 -20.10 15.56 15.14
C GLY C 121 -21.49 15.19 14.67
N SER C 122 -22.48 15.82 15.27
CA SER C 122 -23.87 15.66 14.86
C SER C 122 -24.26 16.81 13.94
N PHE C 123 -25.31 16.59 13.15
CA PHE C 123 -25.73 17.60 12.19
C PHE C 123 -26.13 18.90 12.88
N MET C 124 -26.65 18.82 14.10
CA MET C 124 -27.05 20.02 14.83
C MET C 124 -25.89 20.68 15.57
N THR C 125 -24.71 20.04 15.59
CA THR C 125 -23.56 20.63 16.26
C THR C 125 -22.90 21.66 15.36
N THR C 126 -22.73 22.87 15.88
CA THR C 126 -22.09 23.96 15.18
C THR C 126 -20.80 24.34 15.89
N GLY C 127 -19.91 24.98 15.16
CA GLY C 127 -18.64 25.39 15.73
C GLY C 127 -17.74 26.15 14.78
N LYS C 128 -16.73 26.83 15.33
CA LYS C 128 -15.76 27.57 14.54
C LYS C 128 -14.37 27.27 15.09
N LEU C 129 -13.46 26.91 14.19
CA LEU C 129 -12.07 26.65 14.55
C LEU C 129 -11.17 27.55 13.72
N ILE C 130 -9.92 27.70 14.17
CA ILE C 130 -8.90 28.35 13.37
C ILE C 130 -7.67 27.45 13.37
N ILE C 131 -7.18 27.10 12.18
CA ILE C 131 -6.02 26.25 12.02
C ILE C 131 -4.88 27.08 11.47
N CYS C 132 -3.76 27.11 12.19
CA CYS C 132 -2.64 27.98 11.87
C CYS C 132 -1.38 27.17 11.63
N TYR C 133 -0.76 27.40 10.48
CA TYR C 133 0.60 26.94 10.20
C TYR C 133 1.54 28.09 10.50
N THR C 134 2.55 27.82 11.34
CA THR C 134 3.53 28.82 11.73
C THR C 134 4.89 28.43 11.17
N PRO C 135 5.54 29.29 10.39
CA PRO C 135 6.89 28.99 9.91
C PRO C 135 7.87 28.89 11.06
N PRO C 136 8.93 28.10 10.91
CA PRO C 136 9.84 27.87 12.03
C PRO C 136 10.67 29.10 12.35
N GLY C 137 11.38 29.02 13.47
CA GLY C 137 12.20 30.11 13.94
C GLY C 137 12.05 30.38 15.42
N GLY C 138 10.84 30.17 15.93
CA GLY C 138 10.58 30.39 17.34
C GLY C 138 9.85 29.24 18.00
N SER C 139 9.21 29.51 19.13
CA SER C 139 8.49 28.48 19.86
C SER C 139 7.09 28.29 19.27
N SER C 140 6.46 27.20 19.69
CA SER C 140 5.09 26.92 19.25
C SER C 140 4.14 27.94 19.86
N PRO C 141 3.23 28.52 19.07
CA PRO C 141 2.26 29.45 19.64
C PRO C 141 1.31 28.74 20.61
N THR C 142 1.08 29.39 21.74
CA THR C 142 0.16 28.89 22.75
C THR C 142 -1.15 29.65 22.81
N ASP C 143 -1.14 30.94 22.48
CA ASP C 143 -2.33 31.76 22.46
C ASP C 143 -2.68 32.13 21.02
N ARG C 144 -3.98 32.31 20.77
CA ARG C 144 -4.41 32.72 19.44
C ARG C 144 -3.83 34.08 19.06
N MET C 145 -3.45 34.89 20.05
CA MET C 145 -2.88 36.20 19.79
C MET C 145 -1.65 36.10 18.90
N GLN C 146 -0.81 35.11 19.14
CA GLN C 146 0.40 34.92 18.35
C GLN C 146 0.15 33.99 17.16
N ALA C 147 -0.84 33.10 17.29
CA ALA C 147 -1.08 32.13 16.23
C ALA C 147 -1.74 32.77 15.02
N MET C 148 -2.56 33.81 15.24
CA MET C 148 -3.25 34.44 14.12
C MET C 148 -2.29 35.10 13.15
N LEU C 149 -1.09 35.48 13.63
CA LEU C 149 -0.16 36.23 12.79
C LEU C 149 0.45 35.37 11.68
N ALA C 150 0.60 34.07 11.91
CA ALA C 150 1.13 33.18 10.89
C ALA C 150 0.03 32.80 9.90
N THR C 151 0.32 31.83 9.03
CA THR C 151 -0.67 31.40 8.06
C THR C 151 -1.83 30.73 8.80
N HIS C 152 -3.06 31.03 8.39
CA HIS C 152 -4.19 30.45 9.10
C HIS C 152 -5.42 30.41 8.22
N VAL C 153 -6.34 29.52 8.57
CA VAL C 153 -7.63 29.40 7.91
C VAL C 153 -8.69 29.23 8.98
N VAL C 154 -9.81 29.95 8.84
CA VAL C 154 -10.93 29.84 9.76
C VAL C 154 -11.94 28.87 9.18
N TRP C 155 -12.25 27.82 9.94
CA TRP C 155 -13.12 26.74 9.50
C TRP C 155 -14.45 26.87 10.23
N ASP C 156 -15.53 26.98 9.46
CA ASP C 156 -16.89 27.02 10.00
C ASP C 156 -17.62 25.76 9.58
N PHE C 157 -18.19 25.06 10.55
CA PHE C 157 -18.90 23.81 10.26
C PHE C 157 -20.20 24.10 9.51
N GLY C 158 -20.55 23.19 8.61
CA GLY C 158 -21.77 23.35 7.83
C GLY C 158 -22.01 22.15 6.94
N LEU C 159 -22.53 22.42 5.74
CA LEU C 159 -22.77 21.35 4.78
C LEU C 159 -21.45 20.71 4.37
N GLN C 160 -20.43 21.52 4.14
CA GLN C 160 -19.10 20.98 3.86
C GLN C 160 -18.44 20.61 5.18
N SER C 161 -18.22 19.31 5.40
CA SER C 161 -17.78 18.83 6.69
C SER C 161 -16.27 18.80 6.85
N SER C 162 -15.51 19.19 5.82
CA SER C 162 -14.06 19.14 5.88
C SER C 162 -13.47 20.45 5.38
N ILE C 163 -12.33 20.81 5.97
CA ILE C 163 -11.59 22.01 5.61
C ILE C 163 -10.19 21.59 5.17
N THR C 164 -9.59 22.41 4.30
CA THR C 164 -8.23 22.18 3.82
C THR C 164 -7.38 23.41 4.07
N ILE C 165 -6.22 23.19 4.69
CA ILE C 165 -5.22 24.23 4.88
C ILE C 165 -3.98 23.84 4.08
N ILE C 166 -3.45 24.79 3.32
CA ILE C 166 -2.24 24.56 2.54
C ILE C 166 -1.04 25.01 3.38
N ILE C 167 -0.10 24.11 3.61
CA ILE C 167 1.18 24.47 4.22
C ILE C 167 2.12 24.81 3.07
N PRO C 168 2.36 26.09 2.81
CA PRO C 168 3.15 26.47 1.63
C PRO C 168 4.63 26.19 1.82
N TRP C 169 5.33 26.13 0.69
CA TRP C 169 6.78 25.91 0.70
C TRP C 169 7.46 27.22 1.06
N ILE C 170 7.74 27.41 2.34
CA ILE C 170 8.46 28.60 2.82
C ILE C 170 9.82 28.10 3.32
N SER C 171 10.82 28.16 2.45
CA SER C 171 12.15 27.68 2.78
C SER C 171 13.17 28.47 1.98
N GLY C 172 14.29 28.80 2.65
CA GLY C 172 15.38 29.44 1.94
C GLY C 172 16.02 28.52 0.92
N SER C 173 16.24 27.27 1.30
CA SER C 173 16.84 26.30 0.39
C SER C 173 15.79 25.71 -0.52
N HIS C 174 16.24 25.13 -1.64
CA HIS C 174 15.32 24.48 -2.55
C HIS C 174 14.69 23.24 -1.94
N TYR C 175 15.45 22.48 -1.15
CA TYR C 175 14.95 21.25 -0.57
C TYR C 175 15.20 21.25 0.93
N ARG C 176 14.57 20.32 1.62
CA ARG C 176 14.75 20.09 3.05
C ARG C 176 15.07 18.63 3.30
N MET C 177 15.82 18.40 4.39
CA MET C 177 16.34 17.09 4.73
C MET C 177 15.44 16.40 5.76
N PHE C 178 15.30 15.09 5.62
CA PHE C 178 14.70 14.26 6.66
C PHE C 178 15.80 13.89 7.66
N ASN C 179 16.25 14.89 8.40
CA ASN C 179 17.37 14.76 9.31
C ASN C 179 16.87 14.30 10.68
N THR C 180 17.69 13.47 11.34
CA THR C 180 17.36 13.03 12.70
C THR C 180 17.32 14.20 13.67
N ASP C 181 18.06 15.27 13.38
CA ASP C 181 17.96 16.51 14.14
C ASP C 181 16.82 17.32 13.58
N ALA C 182 15.61 17.09 14.10
CA ALA C 182 14.44 17.82 13.64
C ALA C 182 14.53 19.30 14.02
N LYS C 183 15.42 19.64 14.94
CA LYS C 183 15.55 20.99 15.44
C LYS C 183 16.48 21.86 14.59
N ALA C 184 17.05 21.30 13.52
CA ALA C 184 17.97 22.05 12.67
C ALA C 184 17.20 22.85 11.62
N ILE C 185 17.89 23.80 11.01
CA ILE C 185 17.26 24.67 10.01
C ILE C 185 16.89 23.88 8.76
N ASN C 186 17.75 22.96 8.31
CA ASN C 186 17.48 22.25 7.07
C ASN C 186 16.33 21.26 7.22
N ALA C 187 15.97 20.89 8.44
CA ALA C 187 14.96 19.86 8.69
C ALA C 187 13.64 20.41 9.19
N ASN C 188 13.65 21.49 9.97
CA ASN C 188 12.43 22.00 10.57
C ASN C 188 11.53 22.59 9.49
N VAL C 189 10.23 22.31 9.59
CA VAL C 189 9.25 22.70 8.58
C VAL C 189 8.37 23.81 9.13
N GLY C 190 8.00 23.68 10.41
CA GLY C 190 7.11 24.63 11.06
C GLY C 190 6.20 23.96 12.07
N TYR C 191 5.13 24.65 12.44
CA TYR C 191 4.23 24.18 13.47
C TYR C 191 2.80 24.24 12.96
N VAL C 192 1.95 23.34 13.45
CA VAL C 192 0.52 23.42 13.15
C VAL C 192 -0.23 23.46 14.46
N THR C 193 -1.15 24.41 14.60
CA THR C 193 -1.94 24.56 15.81
C THR C 193 -3.40 24.69 15.45
N CYS C 194 -4.28 24.25 16.34
CA CYS C 194 -5.71 24.43 16.19
C CYS C 194 -6.26 25.14 17.42
N PHE C 195 -7.00 26.22 17.20
CA PHE C 195 -7.54 27.04 18.27
C PHE C 195 -9.04 27.04 17.98
N MET C 196 -9.81 27.02 19.05
CA MET C 196 -11.25 27.29 18.95
C MET C 196 -11.46 28.74 18.58
N GLN C 197 -12.28 29.03 17.57
CA GLN C 197 -12.51 30.44 17.22
C GLN C 197 -13.59 31.11 18.04
N THR C 198 -14.79 30.52 18.09
CA THR C 198 -15.83 31.03 18.96
C THR C 198 -16.18 30.02 20.05
N ASN C 199 -16.67 28.85 19.66
CA ASN C 199 -16.99 27.77 20.59
C ASN C 199 -17.50 26.58 19.79
N LEU C 200 -17.66 25.46 20.47
CA LEU C 200 -18.39 24.31 19.93
C LEU C 200 -19.74 24.24 20.62
N VAL C 201 -20.81 24.38 19.84
CA VAL C 201 -22.17 24.46 20.38
C VAL C 201 -22.95 23.26 19.86
N ALA C 202 -23.54 22.50 20.77
CA ALA C 202 -24.40 21.38 20.44
C ALA C 202 -25.66 21.42 21.30
N PRO C 203 -26.81 20.99 20.79
CA PRO C 203 -28.01 20.97 21.61
C PRO C 203 -27.96 19.85 22.65
N VAL C 204 -28.98 19.83 23.50
CA VAL C 204 -29.07 18.87 24.60
C VAL C 204 -29.23 17.46 24.04
N GLY C 205 -29.97 17.32 22.94
CA GLY C 205 -30.19 16.00 22.37
C GLY C 205 -28.95 15.43 21.68
N ALA C 206 -28.04 16.29 21.24
CA ALA C 206 -26.84 15.87 20.54
C ALA C 206 -25.70 15.63 21.52
N ALA C 207 -24.79 14.75 21.13
CA ALA C 207 -23.61 14.48 21.94
C ALA C 207 -22.75 15.74 22.05
N ASP C 208 -22.36 16.07 23.27
CA ASP C 208 -21.64 17.32 23.51
C ASP C 208 -20.21 17.26 23.00
N GLN C 209 -19.62 16.07 22.91
CA GLN C 209 -18.19 15.93 22.64
C GLN C 209 -18.04 15.38 21.23
N CYS C 210 -17.38 16.13 20.36
CA CYS C 210 -17.25 15.67 18.99
C CYS C 210 -15.79 15.41 18.67
N TYR C 211 -15.52 14.99 17.44
CA TYR C 211 -14.19 14.51 17.04
C TYR C 211 -13.79 15.17 15.72
N ILE C 212 -12.49 15.38 15.55
CA ILE C 212 -11.92 15.75 14.25
C ILE C 212 -11.01 14.64 13.77
N VAL C 213 -11.10 14.32 12.48
CA VAL C 213 -10.19 13.38 11.82
C VAL C 213 -9.26 14.19 10.92
N GLY C 214 -7.95 14.05 11.14
CA GLY C 214 -6.95 14.79 10.39
C GLY C 214 -6.31 13.92 9.32
N MET C 215 -6.07 14.54 8.16
CA MET C 215 -5.47 13.87 7.02
C MET C 215 -4.46 14.81 6.37
N VAL C 216 -3.42 14.23 5.78
CA VAL C 216 -2.34 15.01 5.18
C VAL C 216 -2.00 14.41 3.82
N ALA C 217 -1.63 15.26 2.88
CA ALA C 217 -1.18 14.82 1.56
C ALA C 217 -0.29 15.89 0.95
N ALA C 218 0.25 15.57 -0.23
CA ALA C 218 1.10 16.49 -0.97
C ALA C 218 0.33 17.11 -2.13
N LYS C 219 0.88 18.20 -2.66
CA LYS C 219 0.28 18.87 -3.81
C LYS C 219 1.05 18.52 -5.08
N LYS C 220 0.70 19.18 -6.18
CA LYS C 220 1.34 18.91 -7.46
C LYS C 220 2.80 19.34 -7.51
N ASP C 221 3.24 20.21 -6.61
CA ASP C 221 4.60 20.72 -6.62
C ASP C 221 5.51 20.01 -5.63
N PHE C 222 5.26 18.74 -5.34
CA PHE C 222 6.02 17.98 -4.37
C PHE C 222 7.11 17.17 -5.06
N ASN C 223 8.29 17.14 -4.45
CA ASN C 223 9.45 16.48 -5.07
C ASN C 223 10.27 15.77 -4.00
N LEU C 224 10.89 14.66 -4.40
CA LEU C 224 11.71 13.84 -3.52
C LEU C 224 13.01 13.46 -4.22
N ARG C 225 14.09 13.34 -3.43
CA ARG C 225 15.41 12.99 -3.93
C ARG C 225 16.18 12.18 -2.90
N LEU C 226 17.20 11.47 -3.38
CA LEU C 226 18.12 10.66 -2.56
C LEU C 226 17.36 9.61 -1.76
N MET C 227 16.77 8.67 -2.49
CA MET C 227 16.05 7.58 -1.84
C MET C 227 17.02 6.65 -1.11
N ARG C 228 16.54 6.16 0.04
CA ARG C 228 17.35 5.49 1.04
C ARG C 228 16.55 4.35 1.64
N ASP C 229 17.26 3.45 2.31
CA ASP C 229 16.58 2.41 3.07
C ASP C 229 15.86 3.07 4.24
N SER C 230 14.57 2.80 4.34
CA SER C 230 13.78 3.44 5.36
C SER C 230 14.06 2.80 6.71
N PRO C 231 14.03 3.56 7.80
CA PRO C 231 14.08 2.97 9.15
C PRO C 231 12.73 2.47 9.64
N ASP C 232 11.75 2.33 8.74
CA ASP C 232 10.42 1.90 9.15
C ASP C 232 10.42 0.45 9.64
N ILE C 233 11.05 -0.44 8.87
CA ILE C 233 11.02 -1.87 9.15
C ILE C 233 12.46 -2.36 9.33
N GLY C 234 12.65 -3.33 10.24
CA GLY C 234 13.96 -3.83 10.54
C GLY C 234 14.03 -5.35 10.41
N GLN C 235 15.23 -5.87 10.59
CA GLN C 235 15.47 -7.30 10.47
C GLN C 235 16.69 -7.67 11.31
N SER C 236 16.59 -8.76 12.05
CA SER C 236 17.70 -9.26 12.86
C SER C 236 18.26 -10.59 12.35
N ALA C 237 17.48 -11.33 11.56
CA ALA C 237 17.92 -12.60 11.00
C ALA C 237 17.09 -12.89 9.76
N ILE C 238 17.57 -13.83 8.95
CA ILE C 238 16.84 -14.23 7.76
C ILE C 238 15.49 -14.81 8.17
N LEU C 239 14.44 -14.36 7.52
CA LEU C 239 13.09 -14.76 7.90
C LEU C 239 12.88 -16.24 7.57
N PRO C 240 12.55 -17.08 8.56
CA PRO C 240 12.35 -18.51 8.28
C PRO C 240 10.93 -18.81 7.80
N GLU C 241 10.63 -20.11 7.65
CA GLU C 241 9.28 -20.57 7.35
C GLU C 241 8.55 -20.98 8.63
N GLN C 242 9.02 -20.47 9.77
CA GLN C 242 8.44 -20.79 11.06
C GLN C 242 8.19 -19.51 11.86
N ALA C 243 7.82 -19.65 13.12
CA ALA C 243 7.57 -18.49 13.97
C ALA C 243 8.84 -18.09 14.71
N GLN D 28 18.23 2.65 -23.37
CA GLN D 28 18.22 1.26 -23.86
C GLN D 28 19.22 1.07 -24.99
N ILE D 29 20.11 0.09 -24.82
CA ILE D 29 21.07 -0.27 -25.86
C ILE D 29 20.82 -1.71 -26.29
N ASN D 30 20.65 -2.60 -25.31
CA ASN D 30 20.22 -3.97 -25.55
C ASN D 30 21.16 -4.71 -26.49
N PHE D 31 22.38 -4.99 -26.04
CA PHE D 31 23.37 -5.70 -26.84
C PHE D 31 22.96 -7.13 -27.19
N TYR D 32 21.96 -7.69 -26.51
CA TYR D 32 21.60 -9.09 -26.67
C TYR D 32 20.38 -9.24 -27.56
N LYS D 33 20.10 -10.49 -27.94
CA LYS D 33 19.01 -10.78 -28.86
C LYS D 33 17.66 -10.49 -28.22
N ASP D 34 17.44 -10.97 -27.00
CA ASP D 34 16.14 -10.78 -26.36
C ASP D 34 15.95 -9.34 -25.92
N SER D 35 14.71 -8.85 -26.10
CA SER D 35 14.39 -7.48 -25.76
C SER D 35 14.31 -7.26 -24.25
N TYR D 36 13.95 -8.30 -23.49
CA TYR D 36 13.89 -8.17 -22.04
C TYR D 36 15.27 -8.11 -21.41
N ALA D 37 16.32 -8.41 -22.16
CA ALA D 37 17.68 -8.33 -21.65
C ALA D 37 18.23 -6.91 -21.68
N ALA D 38 17.45 -5.96 -22.18
CA ALA D 38 17.89 -4.57 -22.26
C ALA D 38 18.06 -3.97 -20.88
N SER D 39 18.56 -2.73 -20.86
CA SER D 39 18.74 -2.00 -19.62
C SER D 39 17.40 -1.43 -19.17
N ALA D 40 17.43 -0.51 -18.19
CA ALA D 40 16.22 0.10 -17.69
C ALA D 40 15.44 0.78 -18.81
N SER D 41 14.12 0.65 -18.78
CA SER D 41 13.29 1.14 -19.86
C SER D 41 13.37 2.65 -19.96
N LYS D 42 13.08 3.16 -21.16
CA LYS D 42 13.11 4.60 -21.40
C LYS D 42 12.11 5.30 -20.50
N GLN D 43 12.48 6.47 -20.01
CA GLN D 43 11.69 7.17 -19.01
C GLN D 43 10.31 7.54 -19.54
N ASP D 44 9.29 7.30 -18.73
CA ASP D 44 7.91 7.66 -19.06
C ASP D 44 7.35 8.49 -17.91
N PHE D 45 7.03 9.75 -18.19
CA PHE D 45 6.61 10.70 -17.17
C PHE D 45 5.10 10.91 -17.14
N SER D 46 4.32 10.07 -17.82
CA SER D 46 2.87 10.21 -17.80
C SER D 46 2.35 9.99 -16.38
N GLN D 47 1.52 10.92 -15.92
CA GLN D 47 0.96 10.87 -14.57
C GLN D 47 -0.54 11.05 -14.65
N ASP D 48 -1.28 10.16 -14.01
CA ASP D 48 -2.74 10.26 -13.90
C ASP D 48 -3.14 10.06 -12.45
N PRO D 49 -2.87 11.04 -11.58
CA PRO D 49 -3.23 10.89 -10.17
C PRO D 49 -4.72 10.86 -9.92
N SER D 50 -5.54 11.31 -10.89
CA SER D 50 -6.99 11.38 -10.68
C SER D 50 -7.56 10.03 -10.32
N LYS D 51 -7.07 8.96 -10.95
CA LYS D 51 -7.60 7.62 -10.71
C LYS D 51 -7.49 7.23 -9.24
N PHE D 52 -6.56 7.87 -8.52
CA PHE D 52 -6.49 7.70 -7.07
C PHE D 52 -6.95 8.91 -6.29
N THR D 53 -6.98 10.10 -6.89
CA THR D 53 -7.31 11.29 -6.12
C THR D 53 -8.73 11.78 -6.38
N GLU D 54 -9.25 11.60 -7.59
CA GLU D 54 -10.65 11.92 -7.90
C GLU D 54 -11.28 10.73 -8.63
N PRO D 55 -11.49 9.60 -7.93
CA PRO D 55 -12.12 8.42 -8.54
C PRO D 55 -13.63 8.47 -8.46
N VAL D 56 -14.23 9.59 -8.86
CA VAL D 56 -15.66 9.83 -8.72
C VAL D 56 -16.27 9.91 -10.11
N ALA D 57 -17.46 9.31 -10.27
CA ALA D 57 -18.12 9.30 -11.57
C ALA D 57 -18.48 10.71 -12.03
N GLU D 58 -19.02 11.51 -11.11
CA GLU D 58 -19.34 12.90 -11.40
C GLU D 58 -18.16 13.78 -11.01
N ALA D 59 -17.55 14.42 -11.99
CA ALA D 59 -16.36 15.24 -11.74
C ALA D 59 -16.70 16.40 -10.82
N LEU D 60 -15.84 16.64 -9.83
CA LEU D 60 -16.03 17.72 -8.87
C LEU D 60 -15.24 18.93 -9.35
N LYS D 61 -15.96 19.97 -9.77
CA LYS D 61 -15.31 21.17 -10.27
C LYS D 61 -14.66 21.95 -9.14
N ALA D 62 -13.45 22.43 -9.38
CA ALA D 62 -12.71 23.17 -8.37
C ALA D 62 -13.34 24.54 -8.14
N GLY D 63 -13.32 24.98 -6.88
CA GLY D 63 -13.86 26.28 -6.54
C GLY D 63 -15.36 26.32 -6.41
N ALA D 64 -16.02 25.17 -6.37
CA ALA D 64 -17.47 25.09 -6.26
C ALA D 64 -17.87 24.13 -5.14
N PRO D 65 -19.05 24.31 -4.55
CA PRO D 65 -19.52 23.35 -3.55
C PRO D 65 -19.63 21.96 -4.13
N VAL D 66 -18.86 21.03 -3.56
CA VAL D 66 -18.80 19.66 -4.07
C VAL D 66 -19.81 18.75 -3.39
N LEU D 67 -20.55 19.25 -2.40
CA LEU D 67 -21.57 18.48 -1.70
C LEU D 67 -21.01 17.18 -1.09
#